data_4JY6
#
_entry.id   4JY6
#
_cell.length_a   84.890
_cell.length_b   80.320
_cell.length_c   90.430
_cell.angle_alpha   90.00
_cell.angle_beta   93.85
_cell.angle_gamma   90.00
#
_symmetry.space_group_name_H-M   'P 1 21 1'
#
loop_
_entity.id
_entity.type
_entity.pdbx_description
1 polymer 'PGT123 light chain'
2 polymer 'PGT123 heavy chain'
3 non-polymer 'ZINC ION'
4 non-polymer GLYCEROL
5 water water
#
loop_
_entity_poly.entity_id
_entity_poly.type
_entity_poly.pdbx_seq_one_letter_code
_entity_poly.pdbx_strand_id
1 'polypeptide(L)'
;SSMSVSPGETAKISCGKESIGSRAVQWYQQKPGQPPSLIIYNNQDRPAGVPERFSASPDFRPGTTATLTITNVDAEDEAD
YYCHIYDARGGTNWVFDRGTTLTVLGQPKAAPSVTLFPPSSEELQANKATLVCLISDFYPGAVTVAWKADSSPVKAGVET
TTPSKQSNNKYAASSYLSLTPEQWKSHKSYSCQVTHEGSTVEKTVAPTECS
;
A,C
2 'polypeptide(L)'
;QLHLQESGPGLVKPPETLSLTCSVSGASINDAYWSWIRQSPGKRPEWVGYVHHSGDTNYNPSLKRRVTFSLDTAKNEVSL
KLVDLTAADSATYFCARALHGKRIYGIVALGELFTYFYMDVWGKGTAVTVSSASTKGPSVFPLAPSSKSTSGGTAALGCL
VKDYFPEPVTVSWNSGALTSGVHTFPAVLQSSGLYSLSSVVTVPSSSLGTQTYICNVNHKPSNTKVDKRVEPKSC
;
B,D
#
# COMPACT_ATOMS: atom_id res chain seq x y z
N SER A 1 14.28 1.08 -22.53
CA SER A 1 14.43 -0.36 -22.77
C SER A 1 13.13 -1.08 -22.41
N SER A 2 12.66 -1.99 -23.27
CA SER A 2 11.32 -2.59 -23.07
C SER A 2 11.28 -4.13 -23.16
N MET A 3 10.47 -4.77 -22.32
CA MET A 3 10.40 -6.23 -22.27
C MET A 3 9.04 -6.75 -21.76
N SER A 4 8.52 -7.82 -22.38
CA SER A 4 7.26 -8.42 -21.96
C SER A 4 7.27 -9.94 -21.84
N VAL A 5 6.63 -10.48 -20.79
CA VAL A 5 6.48 -11.91 -20.59
C VAL A 5 5.11 -12.29 -20.04
N SER A 6 4.81 -13.58 -20.07
CA SER A 6 3.55 -14.10 -19.54
C SER A 6 3.74 -14.65 -18.12
N PRO A 7 2.67 -14.60 -17.30
CA PRO A 7 2.77 -15.15 -15.94
C PRO A 7 3.27 -16.61 -15.93
N GLY A 8 4.03 -16.96 -14.91
CA GLY A 8 4.63 -18.28 -14.84
C GLY A 8 6.04 -18.39 -15.42
N GLU A 9 6.48 -17.41 -16.22
CA GLU A 9 7.76 -17.59 -16.91
C GLU A 9 8.97 -16.91 -16.26
N THR A 10 10.06 -16.85 -17.01
CA THR A 10 11.36 -16.49 -16.45
C THR A 10 11.95 -15.29 -17.21
N ALA A 11 12.38 -14.28 -16.46
CA ALA A 11 12.95 -13.07 -17.05
C ALA A 11 14.45 -12.91 -16.75
N LYS A 12 15.24 -12.63 -17.79
CA LYS A 12 16.68 -12.35 -17.66
C LYS A 12 17.01 -10.91 -18.11
N ILE A 13 17.66 -10.15 -17.22
CA ILE A 13 17.94 -8.74 -17.50
C ILE A 13 19.42 -8.34 -17.29
N SER A 14 20.00 -7.74 -18.34
CA SER A 14 21.36 -7.18 -18.32
C SER A 14 21.40 -5.69 -17.93
N CYS A 15 22.56 -5.23 -17.47
CA CYS A 15 22.66 -3.84 -17.05
C CYS A 15 24.10 -3.31 -17.10
N GLY A 16 24.25 -2.12 -17.68
CA GLY A 16 25.54 -1.46 -17.76
C GLY A 16 26.50 -2.11 -18.74
N LYS A 17 27.75 -1.64 -18.71
CA LYS A 17 28.83 -2.12 -19.57
C LYS A 17 29.70 -3.15 -18.85
N GLU A 18 30.57 -3.83 -19.61
CA GLU A 18 31.47 -4.86 -19.07
C GLU A 18 32.51 -4.33 -18.05
N SER A 19 32.88 -5.19 -17.08
CA SER A 19 33.76 -4.81 -15.96
C SER A 19 35.23 -4.61 -16.37
N ILE A 20 35.96 -3.82 -15.56
CA ILE A 20 37.40 -3.63 -15.73
C ILE A 20 38.14 -4.07 -14.48
N GLY A 21 37.68 -3.59 -13.32
CA GLY A 21 38.14 -4.07 -12.02
C GLY A 21 37.04 -4.79 -11.24
N SER A 22 37.37 -5.28 -10.05
CA SER A 22 36.41 -5.94 -9.14
C SER A 22 35.19 -5.07 -8.85
N ARG A 23 34.03 -5.69 -8.68
CA ARG A 23 32.76 -4.97 -8.61
C ARG A 23 31.92 -5.17 -7.33
N ALA A 24 31.15 -4.13 -6.99
CA ALA A 24 30.03 -4.25 -6.04
C ALA A 24 28.69 -3.62 -6.61
N VAL A 25 27.72 -4.46 -6.96
CA VAL A 25 26.50 -3.97 -7.64
C VAL A 25 25.19 -4.03 -6.81
N GLN A 26 24.41 -2.96 -6.84
CA GLN A 26 23.11 -2.92 -6.17
C GLN A 26 21.91 -2.87 -7.19
N TRP A 27 20.83 -3.63 -6.96
CA TRP A 27 19.63 -3.54 -7.84
C TRP A 27 18.39 -2.95 -7.16
N TYR A 28 17.59 -2.22 -7.96
CA TYR A 28 16.45 -1.43 -7.47
C TYR A 28 15.19 -1.57 -8.36
N GLN A 29 14.03 -1.73 -7.71
CA GLN A 29 12.72 -1.88 -8.38
C GLN A 29 11.83 -0.60 -8.18
N GLN A 30 11.05 -0.18 -9.18
CA GLN A 30 10.17 1.01 -9.01
C GLN A 30 8.81 0.90 -9.73
N LYS A 31 7.73 0.76 -8.94
CA LYS A 31 6.36 0.66 -9.47
C LYS A 31 5.73 2.06 -9.68
N PRO A 32 4.67 2.14 -10.53
CA PRO A 32 3.93 3.39 -10.84
C PRO A 32 3.40 4.17 -9.63
N GLY A 33 3.97 5.37 -9.43
CA GLY A 33 3.61 6.22 -8.31
C GLY A 33 4.38 6.00 -7.02
N GLN A 34 5.54 5.33 -7.09
CA GLN A 34 6.29 4.95 -5.89
C GLN A 34 7.77 5.36 -5.91
N PRO A 35 8.40 5.47 -4.72
CA PRO A 35 9.86 5.58 -4.66
C PRO A 35 10.48 4.20 -4.96
N PRO A 36 11.69 4.18 -5.54
CA PRO A 36 12.48 2.92 -5.67
C PRO A 36 12.52 2.12 -4.36
N SER A 37 12.62 0.79 -4.46
CA SER A 37 12.94 -0.06 -3.31
C SER A 37 14.07 -1.04 -3.66
N LEU A 38 14.77 -1.51 -2.62
CA LEU A 38 16.00 -2.28 -2.77
C LEU A 38 15.76 -3.79 -2.84
N ILE A 39 16.37 -4.47 -3.81
CA ILE A 39 16.16 -5.93 -3.91
C ILE A 39 17.43 -6.81 -3.85
N ILE A 40 18.57 -6.31 -4.32
CA ILE A 40 19.86 -7.00 -4.21
C ILE A 40 20.99 -6.04 -3.83
N TYR A 41 21.93 -6.46 -2.98
CA TYR A 41 23.14 -5.66 -2.74
C TYR A 41 24.41 -6.54 -2.70
N ASN A 42 25.59 -5.93 -2.85
CA ASN A 42 26.85 -6.69 -2.88
C ASN A 42 26.88 -7.84 -3.92
N ASN A 43 26.32 -7.56 -5.11
CA ASN A 43 26.24 -8.52 -6.24
C ASN A 43 25.20 -9.66 -6.18
N GLN A 44 25.07 -10.33 -5.03
CA GLN A 44 24.17 -11.50 -4.96
C GLN A 44 23.38 -11.64 -3.67
N ASP A 45 23.57 -10.74 -2.72
CA ASP A 45 22.91 -10.87 -1.43
C ASP A 45 21.51 -10.27 -1.40
N ARG A 46 20.66 -10.82 -0.55
CA ARG A 46 19.24 -10.49 -0.54
C ARG A 46 18.80 -9.99 0.82
N PRO A 47 18.31 -8.74 0.87
CA PRO A 47 17.76 -8.12 2.08
C PRO A 47 16.51 -8.88 2.54
N ALA A 48 16.22 -8.88 3.84
CA ALA A 48 15.11 -9.67 4.37
C ALA A 48 13.76 -9.12 3.92
N GLY A 49 12.85 -10.03 3.55
CA GLY A 49 11.56 -9.63 3.00
C GLY A 49 11.44 -9.95 1.51
N VAL A 50 12.54 -9.82 0.79
CA VAL A 50 12.55 -10.06 -0.66
C VAL A 50 12.37 -11.56 -0.99
N PRO A 51 11.32 -11.90 -1.78
CA PRO A 51 11.08 -13.29 -2.21
C PRO A 51 12.31 -13.94 -2.84
N GLU A 52 12.36 -15.26 -2.81
CA GLU A 52 13.50 -16.03 -3.34
C GLU A 52 13.51 -16.24 -4.88
N ARG A 53 12.46 -15.80 -5.58
CA ARG A 53 12.44 -15.86 -7.04
C ARG A 53 13.44 -14.87 -7.68
N PHE A 54 13.80 -13.83 -6.94
CA PHE A 54 14.83 -12.88 -7.38
C PHE A 54 16.23 -13.43 -7.08
N SER A 55 17.12 -13.45 -8.09
CA SER A 55 18.54 -13.74 -7.84
C SER A 55 19.46 -13.10 -8.91
N ALA A 56 20.72 -12.84 -8.54
CA ALA A 56 21.68 -12.15 -9.43
C ALA A 56 23.07 -12.81 -9.50
N SER A 57 23.92 -12.29 -10.38
CA SER A 57 25.23 -12.90 -10.66
C SER A 57 26.34 -12.36 -9.78
N PRO A 58 27.17 -13.27 -9.23
CA PRO A 58 28.34 -12.92 -8.41
C PRO A 58 29.47 -12.39 -9.28
N ASP A 59 30.40 -11.66 -8.68
CA ASP A 59 31.55 -11.13 -9.42
C ASP A 59 32.73 -12.12 -9.39
N PHE A 60 33.14 -12.64 -10.55
CA PHE A 60 34.24 -13.63 -10.62
C PHE A 60 35.53 -13.19 -11.35
N ARG A 61 35.39 -12.29 -12.33
CA ARG A 61 36.48 -11.95 -13.25
C ARG A 61 36.11 -10.77 -14.15
N PRO A 62 37.13 -10.08 -14.71
CA PRO A 62 36.86 -8.92 -15.57
C PRO A 62 36.29 -9.35 -16.91
N GLY A 63 35.58 -8.45 -17.58
CA GLY A 63 35.00 -8.72 -18.88
C GLY A 63 33.53 -9.15 -18.91
N THR A 64 32.86 -9.16 -17.76
CA THR A 64 31.48 -9.67 -17.70
C THR A 64 30.39 -8.59 -17.41
N THR A 65 29.12 -8.99 -17.59
CA THR A 65 27.97 -8.09 -17.44
C THR A 65 27.09 -8.48 -16.24
N ALA A 66 26.65 -7.50 -15.45
CA ALA A 66 25.70 -7.75 -14.36
C ALA A 66 24.34 -8.25 -14.89
N THR A 67 23.79 -9.29 -14.27
CA THR A 67 22.53 -9.89 -14.76
C THR A 67 21.57 -10.30 -13.62
N LEU A 68 20.27 -10.05 -13.81
CA LEU A 68 19.25 -10.33 -12.79
C LEU A 68 18.24 -11.35 -13.31
N THR A 69 17.76 -12.23 -12.44
CA THR A 69 16.83 -13.27 -12.86
C THR A 69 15.58 -13.34 -11.96
N ILE A 70 14.42 -13.44 -12.59
CA ILE A 70 13.17 -13.63 -11.86
C ILE A 70 12.52 -14.92 -12.37
N THR A 71 12.39 -15.92 -11.50
CA THR A 71 11.69 -17.14 -11.89
C THR A 71 10.23 -17.01 -11.51
N ASN A 72 9.36 -17.76 -12.21
CA ASN A 72 7.94 -17.85 -11.86
C ASN A 72 7.26 -16.48 -11.76
N VAL A 73 7.35 -15.67 -12.82
CA VAL A 73 6.91 -14.27 -12.74
C VAL A 73 5.42 -14.08 -12.39
N ASP A 74 5.16 -13.24 -11.38
CA ASP A 74 3.81 -12.88 -10.93
C ASP A 74 3.44 -11.50 -11.52
N ALA A 75 2.15 -11.21 -11.60
CA ALA A 75 1.70 -9.91 -12.11
C ALA A 75 2.24 -8.70 -11.33
N GLU A 76 2.57 -8.89 -10.06
CA GLU A 76 3.04 -7.75 -9.24
C GLU A 76 4.51 -7.42 -9.48
N ASP A 77 5.12 -8.15 -10.41
CA ASP A 77 6.50 -7.90 -10.79
C ASP A 77 6.65 -6.79 -11.85
N GLU A 78 5.52 -6.28 -12.34
CA GLU A 78 5.49 -5.20 -13.34
C GLU A 78 6.11 -3.91 -12.77
N ALA A 79 7.19 -3.43 -13.38
CA ALA A 79 7.98 -2.35 -12.79
C ALA A 79 9.11 -1.88 -13.71
N ASP A 80 9.80 -0.82 -13.29
CA ASP A 80 11.11 -0.45 -13.84
C ASP A 80 12.23 -1.04 -12.95
N TYR A 81 13.30 -1.55 -13.56
CA TYR A 81 14.46 -2.08 -12.84
C TYR A 81 15.74 -1.29 -13.13
N TYR A 82 16.45 -0.89 -12.06
CA TYR A 82 17.71 -0.12 -12.19
C TYR A 82 18.86 -0.80 -11.44
N CYS A 83 20.10 -0.57 -11.90
CA CYS A 83 21.28 -1.00 -11.15
C CYS A 83 22.24 0.16 -10.83
N HIS A 84 23.08 0.02 -9.81
CA HIS A 84 24.01 1.07 -9.37
C HIS A 84 25.43 0.48 -9.16
N ILE A 85 26.39 0.86 -10.02
CA ILE A 85 27.69 0.17 -10.10
C ILE A 85 28.89 0.88 -9.47
N TYR A 86 29.66 0.15 -8.64
CA TYR A 86 30.96 0.60 -8.10
C TYR A 86 32.10 -0.31 -8.62
N ASP A 87 33.10 0.28 -9.28
CA ASP A 87 34.19 -0.47 -9.95
C ASP A 87 35.57 0.04 -9.50
N ALA A 88 36.42 -0.85 -9.00
CA ALA A 88 37.73 -0.43 -8.47
C ALA A 88 38.58 0.36 -9.47
N ARG A 89 38.30 0.17 -10.76
CA ARG A 89 39.16 0.72 -11.80
C ARG A 89 38.48 1.84 -12.58
N GLY A 90 37.15 1.80 -12.64
CA GLY A 90 36.40 2.75 -13.45
C GLY A 90 35.76 3.86 -12.62
N GLY A 91 35.77 3.71 -11.30
CA GLY A 91 35.27 4.74 -10.42
C GLY A 91 33.81 4.60 -10.04
N THR A 92 33.29 5.64 -9.38
CA THR A 92 31.92 5.69 -8.86
C THR A 92 30.96 6.41 -9.79
N ASN A 93 29.87 5.74 -10.14
CA ASN A 93 28.78 6.35 -10.89
C ASN A 93 27.85 7.13 -9.95
N TRP A 94 27.32 8.27 -10.41
CA TRP A 94 26.33 9.00 -9.62
C TRP A 94 24.90 8.95 -10.19
N VAL A 95 24.72 8.29 -11.34
CA VAL A 95 23.40 8.06 -11.93
C VAL A 95 23.17 6.54 -12.03
N PHE A 96 21.95 6.09 -11.72
CA PHE A 96 21.60 4.66 -11.88
C PHE A 96 21.58 4.27 -13.37
N ASP A 97 22.10 3.10 -13.71
CA ASP A 97 22.05 2.59 -15.08
C ASP A 97 20.73 1.84 -15.33
N ARG A 98 20.30 1.77 -16.60
CA ARG A 98 19.01 1.16 -16.93
C ARG A 98 19.06 -0.35 -17.23
N GLY A 99 18.10 -1.07 -16.63
CA GLY A 99 17.81 -2.45 -16.98
C GLY A 99 16.71 -2.54 -18.05
N THR A 100 15.44 -2.35 -17.65
CA THR A 100 14.31 -2.34 -18.58
C THR A 100 12.99 -1.89 -17.94
N THR A 101 12.04 -1.56 -18.82
CA THR A 101 10.64 -1.42 -18.44
C THR A 101 9.95 -2.77 -18.65
N LEU A 102 9.43 -3.36 -17.58
CA LEU A 102 8.93 -4.75 -17.68
C LEU A 102 7.41 -4.91 -17.59
N THR A 103 6.81 -5.40 -18.66
CA THR A 103 5.36 -5.62 -18.69
C THR A 103 4.96 -7.11 -18.55
N VAL A 104 4.05 -7.41 -17.60
CA VAL A 104 3.51 -8.76 -17.42
C VAL A 104 2.08 -8.86 -18.05
N LEU A 105 2.01 -9.38 -19.27
CA LEU A 105 0.82 -9.33 -20.12
C LEU A 105 -0.47 -9.94 -19.53
N GLY A 106 -1.57 -9.19 -19.61
CA GLY A 106 -2.90 -9.70 -19.25
C GLY A 106 -3.92 -9.55 -20.37
N GLN A 107 -3.46 -9.17 -21.57
CA GLN A 107 -4.34 -8.81 -22.71
C GLN A 107 -3.62 -9.03 -24.04
N PRO A 108 -4.38 -9.13 -25.16
CA PRO A 108 -3.70 -9.23 -26.47
C PRO A 108 -2.90 -7.96 -26.75
N LYS A 109 -1.92 -8.04 -27.65
CA LYS A 109 -1.18 -6.85 -28.04
C LYS A 109 -1.99 -6.00 -29.00
N ALA A 110 -1.76 -4.68 -28.97
CA ALA A 110 -2.48 -3.75 -29.85
C ALA A 110 -1.61 -2.62 -30.43
N ALA A 111 -1.66 -2.47 -31.76
CA ALA A 111 -0.94 -1.41 -32.47
C ALA A 111 -1.58 -0.04 -32.24
N PRO A 112 -0.76 1.03 -32.28
CA PRO A 112 -1.17 2.43 -32.11
C PRO A 112 -2.00 3.03 -33.25
N SER A 113 -2.99 3.84 -32.90
CA SER A 113 -3.70 4.67 -33.87
C SER A 113 -3.06 6.07 -33.92
N VAL A 114 -2.81 6.57 -35.14
CA VAL A 114 -2.03 7.80 -35.30
C VAL A 114 -2.72 8.78 -36.25
N THR A 115 -2.67 10.05 -35.87
CA THR A 115 -3.31 11.14 -36.63
C THR A 115 -2.36 12.35 -36.67
N LEU A 116 -2.29 13.01 -37.83
CA LEU A 116 -1.31 14.08 -38.04
C LEU A 116 -1.93 15.34 -38.67
N PHE A 117 -1.76 16.50 -38.01
CA PHE A 117 -2.42 17.75 -38.42
C PHE A 117 -1.44 18.80 -38.94
N PRO A 118 -1.68 19.34 -40.14
CA PRO A 118 -0.89 20.47 -40.65
C PRO A 118 -1.19 21.75 -39.84
N PRO A 119 -0.36 22.81 -39.98
CA PRO A 119 -0.58 24.10 -39.31
C PRO A 119 -1.72 24.92 -39.93
N SER A 120 -2.56 25.55 -39.12
CA SER A 120 -3.71 26.31 -39.66
C SER A 120 -3.31 27.64 -40.32
N SER A 121 -4.15 28.18 -41.20
CA SER A 121 -3.85 29.50 -41.78
C SER A 121 -3.95 30.63 -40.76
N GLU A 122 -4.75 30.41 -39.71
CA GLU A 122 -4.84 31.34 -38.59
C GLU A 122 -3.45 31.55 -37.97
N GLU A 123 -2.80 30.43 -37.65
CA GLU A 123 -1.46 30.42 -37.06
C GLU A 123 -0.39 31.04 -37.99
N LEU A 124 -0.46 30.72 -39.28
CA LEU A 124 0.45 31.29 -40.28
C LEU A 124 0.40 32.82 -40.41
N GLN A 125 -0.78 33.41 -40.20
CA GLN A 125 -0.88 34.86 -40.23
C GLN A 125 -0.13 35.46 -39.04
N ALA A 126 -0.08 34.70 -37.93
CA ALA A 126 0.63 35.14 -36.74
C ALA A 126 2.14 34.89 -36.83
N ASN A 127 2.61 34.47 -38.00
CA ASN A 127 4.04 34.25 -38.25
C ASN A 127 4.64 33.06 -37.50
N LYS A 128 3.82 32.03 -37.28
CA LYS A 128 4.25 30.80 -36.58
C LYS A 128 3.78 29.58 -37.35
N ALA A 129 4.35 28.40 -37.04
CA ALA A 129 3.92 27.12 -37.62
C ALA A 129 4.17 25.93 -36.69
N THR A 130 3.22 25.01 -36.61
CA THR A 130 3.33 23.84 -35.74
C THR A 130 2.68 22.60 -36.34
N LEU A 131 3.41 21.47 -36.32
CA LEU A 131 2.84 20.15 -36.64
C LEU A 131 2.50 19.38 -35.36
N VAL A 132 1.37 18.66 -35.40
CA VAL A 132 0.89 17.93 -34.22
C VAL A 132 0.59 16.45 -34.53
N CYS A 133 1.27 15.54 -33.81
CA CYS A 133 1.15 14.10 -34.01
C CYS A 133 0.54 13.44 -32.78
N LEU A 134 -0.66 12.87 -32.92
CA LEU A 134 -1.35 12.27 -31.76
C LEU A 134 -1.44 10.74 -31.86
N ILE A 135 -1.06 10.06 -30.78
CA ILE A 135 -0.93 8.60 -30.77
C ILE A 135 -1.74 7.96 -29.62
N SER A 136 -2.72 7.11 -29.98
CA SER A 136 -3.67 6.55 -28.99
C SER A 136 -3.92 5.03 -29.10
N ASP A 137 -4.28 4.40 -27.97
CA ASP A 137 -4.75 2.98 -27.91
C ASP A 137 -3.74 1.84 -28.17
N PHE A 138 -2.52 2.00 -27.67
CA PHE A 138 -1.49 0.96 -27.85
C PHE A 138 -1.19 0.17 -26.57
N TYR A 139 -0.76 -1.08 -26.76
CA TYR A 139 -0.40 -1.93 -25.63
C TYR A 139 0.53 -3.07 -26.04
N PRO A 140 1.66 -3.23 -25.31
CA PRO A 140 1.99 -2.49 -24.07
C PRO A 140 2.46 -1.04 -24.27
N GLY A 141 2.75 -0.35 -23.17
CA GLY A 141 2.90 1.10 -23.15
C GLY A 141 4.27 1.68 -23.43
N ALA A 142 4.81 1.41 -24.62
CA ALA A 142 6.08 2.00 -25.02
C ALA A 142 6.21 2.09 -26.53
N VAL A 143 6.62 3.28 -27.02
CA VAL A 143 6.89 3.51 -28.45
C VAL A 143 8.05 4.51 -28.61
N THR A 144 8.59 4.60 -29.84
CA THR A 144 9.51 5.69 -30.21
C THR A 144 8.97 6.45 -31.41
N VAL A 145 9.46 7.67 -31.59
CA VAL A 145 8.88 8.61 -32.55
C VAL A 145 9.98 9.33 -33.33
N ALA A 146 9.91 9.30 -34.66
CA ALA A 146 10.91 10.01 -35.47
C ALA A 146 10.29 10.93 -36.54
N TRP A 147 10.87 12.13 -36.72
CA TRP A 147 10.39 13.08 -37.74
C TRP A 147 11.32 13.18 -38.96
N LYS A 148 10.71 13.28 -40.14
CA LYS A 148 11.44 13.28 -41.40
C LYS A 148 10.92 14.30 -42.43
N ALA A 149 11.84 14.97 -43.14
CA ALA A 149 11.50 16.03 -44.10
C ALA A 149 11.95 15.67 -45.51
N ASP A 150 10.99 15.58 -46.44
CA ASP A 150 11.22 14.95 -47.74
C ASP A 150 11.72 13.50 -47.55
N SER A 151 13.01 13.35 -47.28
CA SER A 151 13.57 12.03 -46.97
C SER A 151 14.78 12.16 -46.05
N SER A 152 14.80 13.21 -45.24
CA SER A 152 15.94 13.48 -44.37
C SER A 152 15.50 13.54 -42.91
N PRO A 153 16.39 13.15 -41.99
CA PRO A 153 16.11 13.22 -40.55
C PRO A 153 15.98 14.67 -40.08
N VAL A 154 15.39 14.91 -38.92
CA VAL A 154 15.16 16.27 -38.44
C VAL A 154 15.88 16.58 -37.11
N LYS A 155 15.37 16.01 -36.03
CA LYS A 155 15.98 16.10 -34.68
C LYS A 155 15.82 17.44 -33.92
N ALA A 156 16.19 18.54 -34.56
CA ALA A 156 16.21 19.84 -33.89
C ALA A 156 14.85 20.55 -33.91
N GLY A 157 14.27 20.78 -32.74
CA GLY A 157 12.99 21.48 -32.65
C GLY A 157 11.79 20.57 -32.42
N VAL A 158 12.00 19.53 -31.61
CA VAL A 158 10.99 18.51 -31.33
C VAL A 158 10.72 18.42 -29.81
N GLU A 159 9.46 18.21 -29.43
CA GLU A 159 9.12 17.89 -28.03
C GLU A 159 8.10 16.74 -27.99
N THR A 160 8.33 15.77 -27.11
CA THR A 160 7.50 14.55 -27.03
C THR A 160 7.22 14.14 -25.58
N THR A 161 5.97 13.83 -25.26
CA THR A 161 5.54 13.47 -23.90
C THR A 161 5.78 11.99 -23.50
N THR A 162 5.81 11.71 -22.20
CA THR A 162 5.81 10.32 -21.74
C THR A 162 4.44 9.66 -22.02
N PRO A 163 4.39 8.31 -22.10
CA PRO A 163 3.12 7.58 -22.21
C PRO A 163 2.23 7.82 -21.00
N SER A 164 0.91 7.81 -21.16
CA SER A 164 0.01 7.90 -20.00
C SER A 164 -1.21 6.98 -20.13
N LYS A 165 -1.71 6.49 -18.99
CA LYS A 165 -2.72 5.43 -18.99
C LYS A 165 -4.19 5.88 -19.17
N GLN A 166 -4.77 5.52 -20.33
CA GLN A 166 -6.21 5.64 -20.62
C GLN A 166 -7.07 4.81 -19.65
N SER A 167 -8.39 5.06 -19.66
CA SER A 167 -9.30 4.35 -18.75
C SER A 167 -9.76 2.97 -19.25
N ASN A 168 -9.07 2.42 -20.26
CA ASN A 168 -9.27 1.01 -20.62
C ASN A 168 -7.95 0.25 -20.64
N ASN A 169 -7.00 0.73 -19.83
CA ASN A 169 -5.68 0.12 -19.68
C ASN A 169 -4.85 0.05 -20.97
N LYS A 170 -4.97 1.08 -21.81
CA LYS A 170 -4.09 1.24 -22.95
C LYS A 170 -3.40 2.58 -22.79
N TYR A 171 -2.53 2.94 -23.72
CA TYR A 171 -1.71 4.14 -23.50
C TYR A 171 -1.80 5.19 -24.61
N ALA A 172 -1.47 6.43 -24.27
CA ALA A 172 -1.47 7.53 -25.26
C ALA A 172 -0.26 8.46 -25.10
N ALA A 173 0.07 9.20 -26.17
CA ALA A 173 1.21 10.13 -26.17
C ALA A 173 1.15 11.19 -27.28
N SER A 174 2.02 12.20 -27.19
CA SER A 174 2.03 13.28 -28.20
C SER A 174 3.44 13.79 -28.58
N SER A 175 3.58 14.21 -29.84
CA SER A 175 4.79 14.86 -30.35
C SER A 175 4.49 16.15 -31.14
N TYR A 176 5.36 17.16 -31.00
CA TYR A 176 5.21 18.46 -31.68
C TYR A 176 6.48 18.86 -32.45
N LEU A 177 6.31 19.51 -33.60
CA LEU A 177 7.45 20.05 -34.36
C LEU A 177 7.30 21.55 -34.70
N SER A 178 8.29 22.37 -34.32
CA SER A 178 8.20 23.82 -34.57
C SER A 178 8.89 24.31 -35.85
N LEU A 179 8.17 25.09 -36.65
CA LEU A 179 8.71 25.58 -37.93
C LEU A 179 8.51 27.09 -38.16
N THR A 180 9.42 27.69 -38.95
CA THR A 180 9.17 28.99 -39.54
C THR A 180 8.34 28.78 -40.80
N PRO A 181 7.45 29.74 -41.12
CA PRO A 181 6.58 29.63 -42.31
C PRO A 181 7.37 29.41 -43.59
N GLU A 182 8.55 30.02 -43.67
CA GLU A 182 9.44 29.84 -44.81
C GLU A 182 9.96 28.38 -44.92
N GLN A 183 10.29 27.76 -43.78
CA GLN A 183 10.67 26.35 -43.76
C GLN A 183 9.52 25.43 -44.19
N TRP A 184 8.31 25.73 -43.74
CA TRP A 184 7.15 24.90 -44.05
C TRP A 184 6.85 24.87 -45.56
N LYS A 185 7.18 25.96 -46.25
CA LYS A 185 6.91 26.09 -47.68
C LYS A 185 8.03 25.54 -48.57
N SER A 186 9.27 25.58 -48.08
CA SER A 186 10.44 25.18 -48.89
C SER A 186 10.83 23.69 -48.81
N HIS A 187 9.89 22.83 -48.46
CA HIS A 187 10.08 21.40 -48.61
C HIS A 187 8.83 20.78 -49.25
N LYS A 188 8.89 19.51 -49.64
CA LYS A 188 7.83 18.90 -50.46
C LYS A 188 6.86 18.06 -49.64
N SER A 189 7.34 17.59 -48.48
CA SER A 189 6.50 16.83 -47.56
C SER A 189 7.13 16.76 -46.16
N TYR A 190 6.31 16.40 -45.18
CA TYR A 190 6.80 16.06 -43.84
C TYR A 190 6.12 14.78 -43.32
N SER A 191 6.88 13.94 -42.64
CA SER A 191 6.34 12.70 -42.07
C SER A 191 6.59 12.54 -40.56
N CYS A 192 5.69 11.79 -39.92
CA CYS A 192 5.77 11.40 -38.51
C CYS A 192 5.85 9.86 -38.55
N GLN A 193 6.91 9.26 -38.00
CA GLN A 193 7.09 7.80 -38.02
C GLN A 193 7.14 7.19 -36.63
N VAL A 194 6.21 6.26 -36.35
CA VAL A 194 6.04 5.69 -35.00
C VAL A 194 6.33 4.19 -34.95
N THR A 195 7.20 3.80 -34.03
CA THR A 195 7.60 2.40 -33.93
C THR A 195 7.13 1.82 -32.60
N HIS A 196 6.37 0.71 -32.66
CA HIS A 196 5.90 0.08 -31.43
C HIS A 196 6.86 -1.03 -30.99
N GLU A 197 6.79 -2.18 -31.65
CA GLU A 197 7.68 -3.26 -31.26
C GLU A 197 8.41 -3.86 -32.45
N GLY A 198 9.23 -3.04 -33.10
CA GLY A 198 9.90 -3.43 -34.32
C GLY A 198 9.00 -3.29 -35.53
N SER A 199 7.79 -2.77 -35.33
CA SER A 199 6.90 -2.44 -36.45
C SER A 199 6.75 -0.92 -36.53
N THR A 200 6.52 -0.40 -37.72
CA THR A 200 6.50 1.04 -37.94
C THR A 200 5.25 1.53 -38.69
N VAL A 201 4.63 2.61 -38.19
CA VAL A 201 3.53 3.30 -38.87
C VAL A 201 3.97 4.71 -39.29
N GLU A 202 3.45 5.20 -40.41
CA GLU A 202 3.87 6.50 -40.94
C GLU A 202 2.74 7.34 -41.56
N LYS A 203 2.68 8.63 -41.20
CA LYS A 203 1.75 9.58 -41.82
C LYS A 203 2.50 10.76 -42.45
N THR A 204 1.90 11.39 -43.47
CA THR A 204 2.57 12.44 -44.25
C THR A 204 1.63 13.60 -44.65
N VAL A 205 2.10 14.84 -44.52
CA VAL A 205 1.33 16.02 -44.96
C VAL A 205 2.08 16.91 -45.97
N ALA A 206 1.31 17.69 -46.74
CA ALA A 206 1.87 18.57 -47.77
C ALA A 206 1.31 20.00 -47.65
N PRO A 207 2.10 21.01 -48.06
CA PRO A 207 1.63 22.40 -48.07
C PRO A 207 0.43 22.62 -48.99
N THR A 208 0.38 21.90 -50.10
CA THR A 208 -0.74 21.99 -51.02
C THR A 208 -2.05 21.54 -50.33
N GLN B 1 10.66 0.24 12.89
CA GLN B 1 9.63 1.27 12.75
C GLN B 1 10.20 2.60 12.27
N LEU B 2 11.21 2.53 11.38
CA LEU B 2 11.79 3.72 10.78
C LEU B 2 10.89 4.33 9.69
N HIS B 3 10.71 5.65 9.70
CA HIS B 3 9.81 6.34 8.76
C HIS B 3 10.32 7.76 8.40
N LEU B 4 10.32 8.09 7.11
CA LEU B 4 10.80 9.40 6.63
C LEU B 4 9.73 10.23 5.88
N GLN B 5 9.84 11.56 5.98
CA GLN B 5 8.88 12.44 5.31
C GLN B 5 9.50 13.79 4.85
N GLU B 6 9.40 14.08 3.55
CA GLU B 6 9.98 15.32 2.96
C GLU B 6 9.00 16.51 3.01
N SER B 7 9.53 17.74 2.91
CA SER B 7 8.70 18.95 2.83
C SER B 7 9.40 20.05 2.03
N GLY B 8 8.65 20.76 1.18
CA GLY B 8 9.21 21.79 0.32
C GLY B 8 8.21 22.85 -0.11
N PRO B 9 8.69 23.86 -0.87
CA PRO B 9 7.87 25.03 -1.21
C PRO B 9 6.92 24.82 -2.39
N GLY B 10 7.27 24.00 -3.36
CA GLY B 10 6.37 23.78 -4.49
C GLY B 10 6.81 24.49 -5.77
N LEU B 11 6.41 25.75 -5.92
CA LEU B 11 6.92 26.56 -7.04
C LEU B 11 7.90 27.62 -6.55
N VAL B 12 8.96 27.84 -7.33
CA VAL B 12 10.03 28.75 -6.96
C VAL B 12 10.41 29.66 -8.14
N LYS B 13 10.32 30.97 -7.94
CA LYS B 13 10.75 31.93 -8.95
C LYS B 13 12.18 32.40 -8.65
N PRO B 14 13.09 32.18 -9.61
CA PRO B 14 14.52 32.14 -9.33
C PRO B 14 15.36 33.40 -9.40
N PRO B 15 15.10 34.39 -8.54
CA PRO B 15 16.28 35.01 -7.93
C PRO B 15 16.50 34.31 -6.57
N GLU B 16 15.45 33.61 -6.16
CA GLU B 16 15.41 32.90 -4.89
C GLU B 16 16.10 31.55 -4.99
N THR B 17 16.18 30.87 -3.84
CA THR B 17 16.87 29.59 -3.73
C THR B 17 16.00 28.52 -3.06
N LEU B 18 16.39 27.26 -3.21
CA LEU B 18 15.60 26.14 -2.74
C LEU B 18 16.01 25.68 -1.34
N SER B 19 15.01 25.45 -0.47
CA SER B 19 15.25 24.91 0.87
C SER B 19 14.28 23.77 1.22
N LEU B 20 14.82 22.58 1.48
CA LEU B 20 14.01 21.38 1.78
C LEU B 20 14.32 20.73 3.16
N THR B 21 13.30 20.16 3.80
CA THR B 21 13.49 19.45 5.06
C THR B 21 13.01 18.00 5.01
N CYS B 22 13.57 17.17 5.90
CA CYS B 22 13.14 15.78 6.05
C CYS B 22 13.01 15.36 7.53
N SER B 23 11.80 14.95 7.93
CA SER B 23 11.53 14.50 9.30
C SER B 23 11.81 13.01 9.50
N VAL B 24 12.61 12.68 10.50
CA VAL B 24 12.94 11.30 10.78
C VAL B 24 12.29 10.83 12.08
N SER B 25 11.73 9.62 12.05
CA SER B 25 11.00 9.09 13.19
C SER B 25 11.35 7.62 13.43
N GLY B 26 11.95 7.34 14.58
CA GLY B 26 12.30 5.97 14.95
C GLY B 26 13.80 5.74 15.10
N ALA B 27 14.58 6.82 15.10
CA ALA B 27 16.02 6.76 15.25
C ALA B 27 16.57 8.17 15.41
N SER B 28 17.75 8.30 16.00
CA SER B 28 18.39 9.60 16.15
C SER B 28 19.29 9.90 14.94
N ILE B 29 19.30 11.17 14.51
CA ILE B 29 20.06 11.56 13.32
C ILE B 29 21.58 11.31 13.41
N ASN B 30 22.10 11.07 14.62
CA ASN B 30 23.53 10.77 14.76
C ASN B 30 23.89 9.28 14.68
N ASP B 31 22.89 8.43 14.48
CA ASP B 31 23.12 6.98 14.34
C ASP B 31 23.32 6.48 12.90
N ALA B 32 23.33 7.35 11.90
CA ALA B 32 23.49 6.86 10.52
C ALA B 32 23.97 7.88 9.46
N TYR B 33 24.29 7.34 8.28
CA TYR B 33 24.50 8.13 7.07
C TYR B 33 23.16 8.47 6.38
N TRP B 34 22.99 9.73 5.96
CA TRP B 34 21.78 10.18 5.24
C TRP B 34 22.04 10.68 3.79
N SER B 35 21.14 10.32 2.86
CA SER B 35 21.26 10.64 1.42
C SER B 35 20.07 11.43 0.85
N TRP B 36 20.34 12.29 -0.13
CA TRP B 36 19.29 12.82 -1.04
C TRP B 36 19.42 12.31 -2.51
N ILE B 37 18.28 12.05 -3.15
CA ILE B 37 18.20 11.60 -4.57
C ILE B 37 17.14 12.41 -5.37
N ARG B 38 17.38 12.71 -6.66
CA ARG B 38 16.35 13.36 -7.51
C ARG B 38 16.01 12.66 -8.86
N GLN B 39 14.82 12.92 -9.41
CA GLN B 39 14.34 12.23 -10.62
C GLN B 39 13.32 13.05 -11.44
N SER B 40 13.65 13.33 -12.70
CA SER B 40 12.71 13.91 -13.67
C SER B 40 11.88 12.83 -14.37
N PRO B 41 10.61 13.14 -14.71
CA PRO B 41 9.69 12.14 -15.27
C PRO B 41 10.21 11.53 -16.57
N GLY B 42 10.30 10.20 -16.60
CA GLY B 42 10.87 9.50 -17.74
C GLY B 42 12.37 9.29 -17.65
N LYS B 43 13.02 9.88 -16.64
CA LYS B 43 14.48 9.84 -16.59
C LYS B 43 15.02 8.95 -15.47
N ARG B 44 16.34 8.77 -15.46
CA ARG B 44 16.97 7.85 -14.49
C ARG B 44 17.26 8.59 -13.19
N PRO B 45 17.11 7.89 -12.05
CA PRO B 45 17.38 8.45 -10.71
C PRO B 45 18.84 8.99 -10.61
N GLU B 46 19.03 10.15 -9.98
CA GLU B 46 20.35 10.80 -9.85
C GLU B 46 20.77 11.08 -8.38
N TRP B 47 21.97 10.64 -8.00
CA TRP B 47 22.45 10.72 -6.61
C TRP B 47 23.08 12.07 -6.28
N VAL B 48 22.53 12.80 -5.30
CA VAL B 48 23.00 14.16 -4.94
C VAL B 48 24.19 14.23 -3.95
N GLY B 49 24.17 13.38 -2.92
CA GLY B 49 25.18 13.42 -1.86
C GLY B 49 24.83 12.66 -0.57
N TYR B 50 25.72 12.73 0.44
CA TYR B 50 25.51 12.11 1.77
C TYR B 50 26.20 12.86 2.94
N VAL B 51 25.63 12.77 4.14
CA VAL B 51 26.19 13.43 5.34
C VAL B 51 26.30 12.53 6.55
N HIS B 52 27.42 12.67 7.27
CA HIS B 52 27.58 12.08 8.59
C HIS B 52 28.05 13.13 9.61
N HIS B 53 27.61 13.01 10.85
CA HIS B 53 27.93 14.02 11.84
C HIS B 53 29.43 14.06 12.16
N SER B 54 30.11 12.94 11.94
CA SER B 54 31.58 12.94 11.98
C SER B 54 32.17 13.97 11.03
N GLY B 55 31.60 14.08 9.83
CA GLY B 55 32.07 15.04 8.83
C GLY B 55 32.57 14.34 7.57
N ASP B 56 32.37 13.02 7.52
CA ASP B 56 32.61 12.26 6.30
C ASP B 56 31.44 12.50 5.31
N THR B 57 31.53 13.60 4.56
CA THR B 57 30.48 14.02 3.65
C THR B 57 31.04 14.32 2.24
N ASN B 58 30.28 14.00 1.20
CA ASN B 58 30.67 14.34 -0.17
C ASN B 58 29.47 14.61 -1.10
N TYR B 59 29.73 15.39 -2.16
CA TYR B 59 28.69 15.78 -3.11
C TYR B 59 29.01 15.36 -4.57
N ASN B 60 27.96 15.10 -5.35
CA ASN B 60 28.05 14.84 -6.79
C ASN B 60 28.74 16.01 -7.52
N PRO B 61 29.74 15.71 -8.37
CA PRO B 61 30.48 16.72 -9.15
C PRO B 61 29.60 17.59 -10.05
N SER B 62 28.43 17.06 -10.45
CA SER B 62 27.51 17.79 -11.31
C SER B 62 26.99 19.10 -10.71
N LEU B 63 26.85 19.14 -9.38
CA LEU B 63 26.27 20.30 -8.72
C LEU B 63 26.94 20.60 -7.37
N LYS B 64 28.22 20.24 -7.27
CA LYS B 64 28.98 20.30 -6.02
C LYS B 64 29.11 21.71 -5.42
N ARG B 65 29.07 22.75 -6.25
CA ARG B 65 29.38 24.10 -5.78
C ARG B 65 28.22 24.84 -5.13
N ARG B 66 26.99 24.43 -5.45
CA ARG B 66 25.80 25.17 -5.06
C ARG B 66 24.96 24.46 -3.98
N VAL B 67 25.30 23.23 -3.64
CA VAL B 67 24.48 22.44 -2.70
C VAL B 67 25.22 22.14 -1.38
N THR B 68 24.50 22.24 -0.26
CA THR B 68 25.02 21.77 1.04
C THR B 68 23.93 21.16 1.93
N PHE B 69 24.33 20.19 2.76
CA PHE B 69 23.47 19.56 3.77
C PHE B 69 23.83 20.00 5.19
N SER B 70 22.87 19.93 6.13
CA SER B 70 23.18 20.11 7.55
C SER B 70 22.23 19.33 8.45
N LEU B 71 22.58 19.23 9.74
CA LEU B 71 21.81 18.42 10.70
C LEU B 71 21.36 19.25 11.91
N ASP B 72 20.12 19.05 12.34
CA ASP B 72 19.56 19.76 13.50
C ASP B 72 19.03 18.80 14.57
N THR B 73 19.70 18.77 15.72
CA THR B 73 19.47 17.77 16.76
C THR B 73 18.13 17.94 17.49
N ALA B 74 17.77 19.19 17.77
CA ALA B 74 16.57 19.49 18.54
C ALA B 74 15.29 19.16 17.76
N LYS B 75 15.37 19.24 16.44
CA LYS B 75 14.22 18.94 15.60
C LYS B 75 14.29 17.52 15.06
N ASN B 76 15.44 16.87 15.24
CA ASN B 76 15.73 15.58 14.59
C ASN B 76 15.37 15.68 13.09
N GLU B 77 16.13 16.49 12.34
CA GLU B 77 15.83 16.86 10.95
C GLU B 77 17.06 16.96 10.04
N VAL B 78 16.96 16.42 8.82
CA VAL B 78 17.97 16.59 7.77
C VAL B 78 17.52 17.67 6.77
N SER B 79 18.45 18.54 6.36
CA SER B 79 18.09 19.66 5.46
C SER B 79 18.96 19.76 4.20
N LEU B 80 18.37 20.28 3.10
CA LEU B 80 19.11 20.52 1.85
C LEU B 80 18.96 21.97 1.41
N LYS B 81 20.02 22.51 0.82
CA LYS B 81 20.02 23.89 0.34
C LYS B 81 20.75 24.05 -1.02
N LEU B 82 20.05 24.58 -2.04
CA LEU B 82 20.61 24.78 -3.39
C LEU B 82 20.41 26.25 -3.87
N VAL B 83 21.43 26.82 -4.51
CA VAL B 83 21.41 28.22 -5.00
C VAL B 83 21.65 28.25 -6.51
N ASP B 84 21.63 29.44 -7.13
CA ASP B 84 21.84 29.59 -8.59
C ASP B 84 20.91 28.72 -9.45
N LEU B 85 19.62 28.67 -9.13
CA LEU B 85 18.70 27.76 -9.81
C LEU B 85 18.39 28.14 -11.27
N THR B 86 18.32 27.14 -12.16
CA THR B 86 17.66 27.28 -13.46
C THR B 86 16.51 26.28 -13.57
N ALA B 87 15.88 26.18 -14.74
CA ALA B 87 14.71 25.33 -14.90
C ALA B 87 15.03 23.82 -14.95
N ALA B 88 16.31 23.48 -15.10
CA ALA B 88 16.72 22.08 -15.07
C ALA B 88 16.90 21.53 -13.65
N ASP B 89 16.46 22.27 -12.65
CA ASP B 89 16.56 21.79 -11.27
C ASP B 89 15.20 21.26 -10.84
N SER B 90 14.22 21.48 -11.71
CA SER B 90 12.88 20.92 -11.55
C SER B 90 12.92 19.38 -11.42
N ALA B 91 12.41 18.86 -10.30
CA ALA B 91 12.32 17.41 -10.08
C ALA B 91 11.48 16.98 -8.87
N THR B 92 11.47 15.68 -8.62
CA THR B 92 10.97 15.13 -7.36
C THR B 92 12.18 14.80 -6.47
N TYR B 93 12.18 15.30 -5.22
CA TYR B 93 13.30 15.09 -4.29
C TYR B 93 13.01 14.06 -3.18
N PHE B 94 13.85 13.04 -3.09
CA PHE B 94 13.70 11.94 -2.11
C PHE B 94 14.81 12.00 -1.05
N CYS B 95 14.49 11.70 0.21
CA CYS B 95 15.52 11.47 1.23
C CYS B 95 15.60 10.00 1.70
N ALA B 96 16.80 9.53 2.04
CA ALA B 96 16.96 8.11 2.43
C ALA B 96 18.11 7.82 3.42
N ARG B 97 18.05 6.63 4.02
CA ARG B 97 19.09 6.20 4.94
C ARG B 97 20.10 5.35 4.18
N ALA B 98 21.37 5.72 4.25
CA ALA B 98 22.42 5.00 3.53
C ALA B 98 23.24 4.06 4.43
N LEU B 99 23.08 2.75 4.24
CA LEU B 99 23.97 1.78 4.90
C LEU B 99 25.30 1.62 4.12
N HIS B 100 26.38 1.26 4.82
CA HIS B 100 27.67 1.09 4.14
C HIS B 100 28.34 -0.28 4.32
N GLY B 101 29.19 -0.64 3.35
CA GLY B 101 29.95 -1.89 3.35
C GLY B 101 31.35 -1.79 2.74
N LYS B 102 32.14 -2.86 2.87
CA LYS B 102 33.49 -2.94 2.29
C LYS B 102 33.64 -4.14 1.34
N ARG B 103 34.22 -3.88 0.15
CA ARG B 103 34.50 -4.93 -0.82
C ARG B 103 36.00 -5.22 -0.80
N ILE B 104 36.37 -6.43 -0.38
CA ILE B 104 37.77 -6.79 -0.13
C ILE B 104 38.21 -7.88 -1.10
N TYR B 105 39.12 -7.53 -2.01
CA TYR B 105 39.46 -8.41 -3.14
C TYR B 105 40.95 -8.76 -3.18
N GLY B 106 41.67 -8.43 -2.13
CA GLY B 106 43.09 -8.76 -2.03
C GLY B 106 43.65 -8.51 -0.62
N ILE B 107 44.91 -8.07 -0.54
CA ILE B 107 45.55 -7.81 0.74
C ILE B 107 45.25 -6.40 1.28
N VAL B 108 44.61 -6.31 2.44
CA VAL B 108 44.13 -5.04 2.97
C VAL B 108 45.23 -3.99 3.14
N ALA B 109 46.42 -4.44 3.55
CA ALA B 109 47.53 -3.52 3.82
C ALA B 109 48.09 -2.86 2.54
N LEU B 110 47.74 -3.41 1.38
CA LEU B 110 48.11 -2.83 0.09
C LEU B 110 47.00 -1.97 -0.48
N GLY B 111 45.98 -1.72 0.32
CA GLY B 111 44.83 -0.94 -0.13
C GLY B 111 44.04 -1.63 -1.23
N GLU B 112 43.90 -2.95 -1.12
CA GLU B 112 43.11 -3.68 -2.11
C GLU B 112 41.65 -3.87 -1.71
N LEU B 113 40.95 -2.75 -1.53
CA LEU B 113 39.58 -2.73 -1.02
C LEU B 113 38.93 -1.37 -1.32
N PHE B 114 37.61 -1.28 -1.22
CA PHE B 114 36.92 0.04 -1.25
C PHE B 114 35.58 0.10 -0.51
N THR B 115 35.09 1.32 -0.30
CA THR B 115 33.80 1.57 0.40
C THR B 115 32.62 1.73 -0.59
N TYR B 116 31.47 1.10 -0.32
CA TYR B 116 30.25 1.34 -1.13
C TYR B 116 28.99 1.56 -0.29
N PHE B 117 28.05 2.36 -0.81
CA PHE B 117 26.76 2.63 -0.14
C PHE B 117 25.54 2.00 -0.85
N TYR B 118 24.57 1.52 -0.05
CA TYR B 118 23.23 1.08 -0.55
C TYR B 118 22.06 1.64 0.29
N MET B 119 20.92 1.93 -0.34
CA MET B 119 19.78 2.61 0.35
C MET B 119 18.57 1.72 0.63
N ASP B 120 18.24 1.51 1.91
CA ASP B 120 17.21 0.52 2.30
C ASP B 120 15.85 1.07 2.79
N VAL B 121 15.74 2.38 3.04
CA VAL B 121 14.49 3.01 3.49
C VAL B 121 14.34 4.42 2.89
N TRP B 122 13.23 4.69 2.18
CA TRP B 122 13.02 5.99 1.48
C TRP B 122 11.73 6.70 1.91
N GLY B 123 11.68 8.01 1.73
CA GLY B 123 10.42 8.76 1.83
C GLY B 123 9.60 8.76 0.53
N LYS B 124 8.42 9.38 0.55
CA LYS B 124 7.56 9.42 -0.65
C LYS B 124 7.92 10.59 -1.59
N GLY B 125 8.92 11.40 -1.22
CA GLY B 125 9.40 12.47 -2.08
C GLY B 125 8.50 13.70 -2.17
N THR B 126 9.09 14.85 -2.52
CA THR B 126 8.35 16.12 -2.72
C THR B 126 8.61 16.72 -4.13
N ALA B 127 7.55 17.19 -4.81
CA ALA B 127 7.67 17.72 -6.18
C ALA B 127 8.08 19.19 -6.25
N VAL B 128 9.17 19.51 -6.96
CA VAL B 128 9.64 20.90 -7.09
C VAL B 128 9.74 21.43 -8.55
N THR B 129 9.08 22.55 -8.83
CA THR B 129 9.17 23.18 -10.16
C THR B 129 9.89 24.52 -10.10
N VAL B 130 10.84 24.73 -11.00
CA VAL B 130 11.52 26.04 -11.12
C VAL B 130 11.15 26.75 -12.42
N SER B 131 10.62 27.97 -12.30
CA SER B 131 10.24 28.77 -13.49
C SER B 131 10.44 30.28 -13.32
N SER B 132 10.96 30.93 -14.35
CA SER B 132 11.19 32.38 -14.29
C SER B 132 10.12 33.20 -15.06
N ALA B 133 9.03 32.54 -15.45
CA ALA B 133 7.98 33.18 -16.27
C ALA B 133 6.86 33.89 -15.48
N SER B 134 6.11 34.72 -16.20
CA SER B 134 4.93 35.44 -15.70
C SER B 134 3.64 34.81 -16.23
N THR B 135 2.60 34.78 -15.39
CA THR B 135 1.24 34.33 -15.77
C THR B 135 0.79 34.80 -17.17
N LYS B 136 0.22 33.91 -17.96
CA LYS B 136 -0.24 34.25 -19.32
C LYS B 136 -1.33 33.28 -19.81
N GLY B 137 -2.42 33.82 -20.33
CA GLY B 137 -3.48 32.99 -20.90
C GLY B 137 -3.17 32.45 -22.29
N PRO B 138 -3.88 31.39 -22.71
CA PRO B 138 -3.60 30.62 -23.93
C PRO B 138 -4.13 31.28 -25.22
N SER B 139 -3.52 30.99 -26.38
CA SER B 139 -4.15 31.22 -27.69
C SER B 139 -4.75 29.89 -28.16
N VAL B 140 -5.88 29.95 -28.87
CA VAL B 140 -6.59 28.74 -29.29
C VAL B 140 -6.77 28.67 -30.82
N PHE B 141 -6.22 27.62 -31.45
CA PHE B 141 -6.36 27.43 -32.91
C PHE B 141 -7.17 26.17 -33.28
N PRO B 142 -7.83 26.18 -34.47
CA PRO B 142 -8.61 25.02 -34.87
C PRO B 142 -7.79 24.01 -35.67
N LEU B 143 -8.00 22.72 -35.41
CA LEU B 143 -7.45 21.63 -36.21
C LEU B 143 -8.54 21.05 -37.15
N ALA B 144 -8.66 21.63 -38.36
CA ALA B 144 -9.76 21.26 -39.27
C ALA B 144 -9.66 19.84 -39.84
N PRO B 145 -10.81 19.15 -39.95
CA PRO B 145 -10.93 17.84 -40.60
C PRO B 145 -10.90 17.95 -42.13
N SER B 146 -10.46 16.89 -42.80
CA SER B 146 -10.36 16.87 -44.27
C SER B 146 -11.64 16.37 -44.94
N SER B 147 -11.88 16.82 -46.17
CA SER B 147 -13.10 16.49 -46.90
C SER B 147 -13.05 15.09 -47.53
N LYS B 148 -11.83 14.62 -47.75
CA LYS B 148 -11.60 13.35 -48.44
C LYS B 148 -11.89 12.14 -47.55
N GLY B 152 -13.06 3.66 -43.61
CA GLY B 152 -13.17 4.17 -42.24
C GLY B 152 -14.48 4.87 -41.95
N GLY B 153 -14.88 5.78 -42.85
CA GLY B 153 -16.14 6.49 -42.73
C GLY B 153 -16.16 7.59 -41.67
N THR B 154 -15.00 7.87 -41.09
CA THR B 154 -14.90 8.80 -39.97
C THR B 154 -13.88 9.92 -40.20
N ALA B 155 -14.07 11.03 -39.49
CA ALA B 155 -13.15 12.16 -39.54
C ALA B 155 -12.70 12.55 -38.12
N ALA B 156 -11.57 13.25 -38.03
CA ALA B 156 -11.01 13.66 -36.73
C ALA B 156 -10.74 15.17 -36.72
N LEU B 157 -11.05 15.84 -35.60
CA LEU B 157 -10.99 17.32 -35.53
C LEU B 157 -10.64 17.78 -34.11
N GLY B 158 -10.17 19.01 -33.93
CA GLY B 158 -9.88 19.47 -32.59
C GLY B 158 -9.32 20.86 -32.32
N CYS B 159 -8.76 21.03 -31.12
CA CYS B 159 -8.25 22.32 -30.66
C CYS B 159 -6.80 22.25 -30.18
N LEU B 160 -5.97 23.14 -30.72
CA LEU B 160 -4.60 23.31 -30.23
C LEU B 160 -4.56 24.49 -29.21
N VAL B 161 -4.23 24.18 -27.97
CA VAL B 161 -4.28 25.17 -26.88
C VAL B 161 -2.86 25.61 -26.48
N LYS B 162 -2.46 26.82 -26.91
CA LYS B 162 -1.05 27.18 -27.07
C LYS B 162 -0.51 28.28 -26.15
N ASP B 163 0.73 28.07 -25.65
CA ASP B 163 1.51 29.06 -24.86
C ASP B 163 0.87 29.67 -23.58
N TYR B 164 0.62 28.86 -22.56
CA TYR B 164 0.00 29.36 -21.30
C TYR B 164 0.84 29.08 -20.04
N PHE B 165 0.52 29.77 -18.94
CA PHE B 165 1.21 29.57 -17.66
C PHE B 165 0.44 30.20 -16.48
N PRO B 166 0.38 29.48 -15.34
CA PRO B 166 0.87 28.09 -15.17
C PRO B 166 -0.26 27.07 -15.38
N GLU B 167 0.03 25.78 -15.13
CA GLU B 167 -0.99 24.72 -15.10
C GLU B 167 -1.95 24.96 -13.93
N PRO B 168 -3.19 24.41 -14.01
CA PRO B 168 -3.83 23.61 -15.06
C PRO B 168 -4.77 24.35 -16.02
N VAL B 169 -5.28 23.61 -16.99
CA VAL B 169 -6.34 24.06 -17.91
C VAL B 169 -7.41 22.97 -18.06
N THR B 170 -8.70 23.33 -17.99
CA THR B 170 -9.80 22.41 -18.33
C THR B 170 -10.35 22.62 -19.73
N VAL B 171 -10.64 21.51 -20.42
CA VAL B 171 -11.25 21.54 -21.76
C VAL B 171 -12.47 20.60 -21.89
N SER B 172 -13.54 21.12 -22.51
CA SER B 172 -14.77 20.35 -22.80
C SER B 172 -15.31 20.62 -24.23
N TRP B 173 -16.31 19.84 -24.66
CA TRP B 173 -16.90 19.99 -26.01
C TRP B 173 -18.41 20.21 -26.02
N ASN B 174 -18.88 21.17 -26.82
CA ASN B 174 -20.30 21.51 -26.91
C ASN B 174 -20.96 21.63 -25.53
N SER B 175 -20.34 22.38 -24.64
CA SER B 175 -20.81 22.57 -23.26
C SER B 175 -21.05 21.25 -22.54
N GLY B 176 -20.15 20.30 -22.74
CA GLY B 176 -20.21 19.03 -22.03
C GLY B 176 -21.32 18.08 -22.47
N ALA B 177 -21.91 18.33 -23.64
CA ALA B 177 -22.96 17.44 -24.17
C ALA B 177 -22.40 16.41 -25.14
N LEU B 178 -21.08 16.39 -25.28
CA LEU B 178 -20.39 15.46 -26.19
C LEU B 178 -19.19 14.89 -25.47
N THR B 179 -19.37 13.70 -24.91
CA THR B 179 -18.43 13.15 -23.93
C THR B 179 -17.69 11.96 -24.49
N SER B 180 -17.96 11.66 -25.77
CA SER B 180 -17.68 10.32 -26.29
C SER B 180 -16.97 10.34 -27.63
N GLY B 181 -15.75 9.80 -27.64
CA GLY B 181 -14.88 9.88 -28.81
C GLY B 181 -13.76 10.88 -28.55
N VAL B 182 -13.86 11.55 -27.40
CA VAL B 182 -12.93 12.62 -27.03
C VAL B 182 -11.67 12.08 -26.35
N HIS B 183 -10.50 12.45 -26.89
CA HIS B 183 -9.23 12.24 -26.21
C HIS B 183 -8.59 13.61 -25.91
N THR B 184 -8.48 13.96 -24.61
CA THR B 184 -7.74 15.16 -24.18
C THR B 184 -6.35 14.78 -23.64
N PHE B 185 -5.29 15.20 -24.34
CA PHE B 185 -3.89 14.79 -24.04
C PHE B 185 -3.17 15.74 -23.07
N PRO B 186 -2.28 15.20 -22.22
CA PRO B 186 -1.48 16.05 -21.29
C PRO B 186 -0.36 16.86 -21.98
N ALA B 187 0.18 17.90 -21.32
CA ALA B 187 0.97 18.95 -22.01
C ALA B 187 2.49 18.75 -22.13
N VAL B 188 3.10 19.42 -23.12
CA VAL B 188 4.56 19.55 -23.24
C VAL B 188 5.05 20.90 -22.72
N LEU B 189 6.32 20.97 -22.33
CA LEU B 189 6.93 22.23 -21.87
C LEU B 189 8.03 22.68 -22.83
N GLN B 190 7.84 23.84 -23.46
CA GLN B 190 8.79 24.33 -24.47
C GLN B 190 9.99 25.05 -23.83
N SER B 191 11.03 25.29 -24.63
CA SER B 191 12.21 26.04 -24.17
C SER B 191 11.87 27.51 -23.89
N SER B 192 10.67 27.92 -24.28
CA SER B 192 10.17 29.26 -23.98
C SER B 192 9.87 29.37 -22.49
N GLY B 193 9.08 28.46 -21.96
CA GLY B 193 8.76 28.46 -20.55
C GLY B 193 7.27 28.25 -20.34
N LEU B 194 6.52 28.29 -21.44
CA LEU B 194 5.06 28.10 -21.38
C LEU B 194 4.62 26.71 -21.90
N TYR B 195 3.42 26.28 -21.50
CA TYR B 195 2.85 24.97 -21.86
C TYR B 195 2.00 24.99 -23.11
N SER B 196 1.49 23.81 -23.49
CA SER B 196 0.74 23.58 -24.72
C SER B 196 0.11 22.17 -24.72
N LEU B 197 -1.18 22.07 -25.03
CA LEU B 197 -1.79 20.75 -25.13
C LEU B 197 -2.85 20.70 -26.23
N SER B 198 -3.37 19.50 -26.52
CA SER B 198 -4.45 19.39 -27.52
C SER B 198 -5.60 18.44 -27.15
N SER B 199 -6.77 18.72 -27.73
CA SER B 199 -7.99 17.93 -27.55
C SER B 199 -8.60 17.50 -28.90
N VAL B 200 -8.97 16.23 -29.04
CA VAL B 200 -9.52 15.69 -30.31
C VAL B 200 -10.82 14.83 -30.20
N VAL B 201 -11.74 15.00 -31.15
CA VAL B 201 -12.90 14.10 -31.33
C VAL B 201 -12.98 13.43 -32.72
N THR B 202 -13.31 12.14 -32.76
CA THR B 202 -13.61 11.46 -34.04
C THR B 202 -15.11 11.35 -34.26
N VAL B 203 -15.56 11.74 -35.46
CA VAL B 203 -16.99 11.85 -35.74
C VAL B 203 -17.38 11.19 -37.06
N PRO B 204 -18.66 10.77 -37.17
CA PRO B 204 -19.26 10.28 -38.43
C PRO B 204 -19.12 11.33 -39.53
N SER B 205 -18.44 11.00 -40.62
CA SER B 205 -18.15 12.00 -41.65
C SER B 205 -19.38 12.33 -42.51
N SER B 206 -20.49 11.62 -42.27
CA SER B 206 -21.74 11.88 -42.98
C SER B 206 -22.66 12.82 -42.17
N SER B 207 -22.06 13.81 -41.52
CA SER B 207 -22.82 14.72 -40.66
C SER B 207 -22.15 16.10 -40.56
N LEU B 208 -21.05 16.27 -41.30
CA LEU B 208 -20.26 17.51 -41.26
C LEU B 208 -20.97 18.71 -41.90
N GLY B 209 -22.11 18.48 -42.54
CA GLY B 209 -22.85 19.55 -43.18
C GLY B 209 -24.10 19.96 -42.38
N THR B 210 -24.38 19.23 -41.32
CA THR B 210 -25.56 19.46 -40.51
C THR B 210 -25.22 19.72 -39.04
N GLN B 211 -23.96 19.51 -38.68
CA GLN B 211 -23.59 19.57 -37.26
C GLN B 211 -22.49 20.55 -36.89
N THR B 212 -22.64 21.16 -35.71
CA THR B 212 -21.63 22.11 -35.25
C THR B 212 -20.86 21.58 -34.05
N TYR B 213 -19.55 21.80 -34.07
CA TYR B 213 -18.71 21.44 -32.94
C TYR B 213 -17.94 22.65 -32.37
N ILE B 214 -17.99 22.77 -31.04
CA ILE B 214 -17.41 23.91 -30.33
C ILE B 214 -16.71 23.44 -29.07
N CYS B 215 -15.40 23.71 -28.97
CA CYS B 215 -14.69 23.45 -27.71
C CYS B 215 -14.65 24.66 -26.76
N ASN B 216 -14.70 24.33 -25.48
CA ASN B 216 -14.76 25.34 -24.40
C ASN B 216 -13.53 25.20 -23.54
N VAL B 217 -12.70 26.23 -23.52
CA VAL B 217 -11.48 26.21 -22.70
C VAL B 217 -11.60 27.14 -21.49
N ASN B 218 -11.04 26.71 -20.36
CA ASN B 218 -11.10 27.50 -19.14
C ASN B 218 -9.76 27.50 -18.41
N HIS B 219 -9.19 28.68 -18.16
CA HIS B 219 -7.87 28.83 -17.50
C HIS B 219 -8.01 29.71 -16.25
N LYS B 220 -8.23 29.08 -15.11
CA LYS B 220 -8.50 29.86 -13.89
C LYS B 220 -7.41 30.85 -13.43
N PRO B 221 -6.13 30.43 -13.43
CA PRO B 221 -5.08 31.36 -12.96
C PRO B 221 -4.98 32.71 -13.69
N SER B 222 -5.51 32.86 -14.90
CA SER B 222 -5.53 34.20 -15.52
C SER B 222 -6.94 34.79 -15.61
N ASN B 223 -7.92 34.13 -14.99
CA ASN B 223 -9.34 34.47 -15.19
C ASN B 223 -9.72 34.61 -16.68
N THR B 224 -9.41 33.58 -17.47
CA THR B 224 -9.73 33.58 -18.91
C THR B 224 -10.61 32.39 -19.34
N LYS B 225 -11.65 32.69 -20.14
CA LYS B 225 -12.48 31.66 -20.80
C LYS B 225 -12.61 31.88 -22.30
N VAL B 226 -12.42 30.82 -23.08
CA VAL B 226 -12.57 30.91 -24.54
C VAL B 226 -13.55 29.86 -25.13
N ASP B 227 -14.32 30.27 -26.15
CA ASP B 227 -15.17 29.37 -26.95
C ASP B 227 -14.89 29.49 -28.46
N LYS B 228 -14.57 28.36 -29.11
CA LYS B 228 -14.18 28.34 -30.55
C LYS B 228 -14.92 27.28 -31.40
N ARG B 229 -15.50 27.70 -32.51
CA ARG B 229 -16.15 26.76 -33.43
C ARG B 229 -15.22 26.22 -34.52
N VAL B 230 -15.15 24.89 -34.62
CA VAL B 230 -14.26 24.21 -35.57
C VAL B 230 -15.01 23.77 -36.85
N GLU B 231 -14.47 24.12 -38.04
CA GLU B 231 -15.20 23.95 -39.31
C GLU B 231 -14.41 23.25 -40.44
N PRO B 232 -15.12 22.47 -41.28
CA PRO B 232 -14.54 21.87 -42.49
C PRO B 232 -14.05 22.91 -43.50
N LYS B 233 -12.97 22.56 -44.21
CA LYS B 233 -12.43 23.39 -45.28
C LYS B 233 -12.62 22.69 -46.62
N SER C 1 -9.21 -22.03 26.99
CA SER C 1 -8.96 -21.95 25.56
C SER C 1 -7.51 -21.55 25.25
N SER C 2 -6.64 -21.68 26.26
CA SER C 2 -5.21 -21.40 26.08
C SER C 2 -4.35 -22.59 26.54
N MET C 3 -3.41 -23.03 25.70
CA MET C 3 -2.58 -24.21 25.98
C MET C 3 -1.12 -24.00 25.55
N SER C 4 -0.21 -24.73 26.20
CA SER C 4 1.23 -24.52 25.99
C SER C 4 2.01 -25.84 26.03
N VAL C 5 2.91 -26.04 25.05
CA VAL C 5 3.76 -27.25 25.01
C VAL C 5 5.20 -26.96 24.62
N SER C 6 6.06 -27.93 24.92
CA SER C 6 7.48 -27.84 24.61
C SER C 6 7.78 -28.55 23.30
N PRO C 7 8.77 -28.05 22.53
CA PRO C 7 9.13 -28.64 21.22
C PRO C 7 9.50 -30.13 21.31
N GLY C 8 8.96 -30.94 20.39
CA GLY C 8 9.25 -32.36 20.37
C GLY C 8 8.37 -33.23 21.28
N GLU C 9 7.50 -32.60 22.06
CA GLU C 9 6.50 -33.31 22.87
C GLU C 9 5.17 -33.57 22.10
N THR C 10 4.13 -33.98 22.83
CA THR C 10 2.85 -34.40 22.23
C THR C 10 1.64 -33.58 22.73
N ALA C 11 0.83 -33.05 21.82
CA ALA C 11 -0.35 -32.26 22.22
C ALA C 11 -1.68 -32.98 21.94
N LYS C 12 -2.64 -32.78 22.85
CA LYS C 12 -3.98 -33.34 22.72
C LYS C 12 -5.03 -32.24 22.86
N ILE C 13 -5.77 -31.98 21.79
CA ILE C 13 -6.76 -30.89 21.77
C ILE C 13 -8.18 -31.45 21.62
N SER C 14 -9.07 -31.04 22.52
CA SER C 14 -10.45 -31.52 22.50
C SER C 14 -11.38 -30.34 22.15
N CYS C 15 -12.56 -30.65 21.61
CA CYS C 15 -13.41 -29.63 21.00
C CYS C 15 -14.85 -30.11 20.87
N GLY C 16 -15.81 -29.21 21.10
CA GLY C 16 -17.21 -29.52 20.86
C GLY C 16 -17.95 -30.24 21.98
N LYS C 17 -19.25 -30.50 21.77
CA LYS C 17 -20.08 -31.22 22.75
C LYS C 17 -20.07 -32.72 22.46
N GLU C 18 -20.43 -33.54 23.46
CA GLU C 18 -20.35 -34.99 23.30
C GLU C 18 -21.33 -35.56 22.27
N SER C 19 -20.86 -36.56 21.52
CA SER C 19 -21.62 -37.13 20.42
C SER C 19 -22.97 -37.70 20.87
N ILE C 20 -23.96 -37.53 20.00
CA ILE C 20 -25.34 -37.97 20.22
C ILE C 20 -25.59 -39.09 19.23
N GLY C 21 -25.78 -38.72 17.96
CA GLY C 21 -25.86 -39.66 16.86
C GLY C 21 -24.56 -39.73 16.07
N SER C 22 -24.56 -40.45 14.95
CA SER C 22 -23.34 -40.68 14.16
C SER C 22 -22.81 -39.38 13.58
N ARG C 23 -21.48 -39.30 13.44
CA ARG C 23 -20.83 -38.04 13.12
C ARG C 23 -19.88 -38.05 11.94
N ALA C 24 -19.75 -36.88 11.34
CA ALA C 24 -18.62 -36.54 10.47
C ALA C 24 -17.99 -35.22 10.98
N VAL C 25 -16.72 -35.27 11.35
CA VAL C 25 -16.03 -34.12 11.95
C VAL C 25 -14.86 -33.60 11.10
N GLN C 26 -14.85 -32.30 10.83
CA GLN C 26 -13.75 -31.64 10.10
C GLN C 26 -12.91 -30.76 11.05
N TRP C 27 -11.62 -30.58 10.76
CA TRP C 27 -10.74 -29.73 11.58
C TRP C 27 -10.03 -28.66 10.74
N TYR C 28 -9.84 -27.49 11.34
CA TYR C 28 -9.19 -26.36 10.66
C TYR C 28 -8.11 -25.64 11.51
N GLN C 29 -6.97 -25.43 10.89
CA GLN C 29 -5.89 -24.65 11.51
C GLN C 29 -5.88 -23.20 10.97
N GLN C 30 -5.57 -22.22 11.83
CA GLN C 30 -5.47 -20.80 11.40
C GLN C 30 -4.29 -20.05 12.06
N LYS C 31 -3.37 -19.54 11.24
CA LYS C 31 -2.27 -18.69 11.73
C LYS C 31 -2.56 -17.18 11.66
N PRO C 32 -1.80 -16.39 12.44
CA PRO C 32 -1.79 -14.93 12.38
C PRO C 32 -1.62 -14.34 10.97
N GLY C 33 -2.59 -13.53 10.56
CA GLY C 33 -2.57 -12.88 9.27
C GLY C 33 -3.06 -13.71 8.09
N GLN C 34 -3.62 -14.89 8.37
CA GLN C 34 -4.00 -15.81 7.28
C GLN C 34 -5.45 -16.28 7.35
N PRO C 35 -5.95 -16.86 6.25
CA PRO C 35 -7.21 -17.60 6.32
C PRO C 35 -7.01 -19.04 6.87
N PRO C 36 -8.08 -19.63 7.40
CA PRO C 36 -8.07 -21.05 7.79
C PRO C 36 -7.66 -22.02 6.65
N SER C 37 -7.17 -23.20 7.05
CA SER C 37 -6.86 -24.26 6.11
C SER C 37 -7.20 -25.65 6.70
N LEU C 38 -7.66 -26.56 5.84
CA LEU C 38 -8.18 -27.86 6.26
C LEU C 38 -7.05 -28.86 6.56
N ILE C 39 -7.23 -29.66 7.62
CA ILE C 39 -6.23 -30.67 8.01
C ILE C 39 -6.84 -32.06 8.23
N ILE C 40 -8.13 -32.11 8.59
CA ILE C 40 -8.86 -33.39 8.60
C ILE C 40 -10.32 -33.26 8.16
N TYR C 41 -10.77 -34.26 7.40
CA TYR C 41 -12.19 -34.39 7.08
C TYR C 41 -12.72 -35.82 7.33
N ASN C 42 -14.04 -35.94 7.53
CA ASN C 42 -14.67 -37.26 7.75
C ASN C 42 -14.00 -38.00 8.92
N ASN C 43 -13.83 -37.27 10.02
CA ASN C 43 -13.22 -37.80 11.28
C ASN C 43 -11.71 -38.09 11.27
N GLN C 44 -11.19 -38.67 10.18
CA GLN C 44 -9.81 -39.16 10.18
C GLN C 44 -9.04 -39.04 8.85
N ASP C 45 -9.72 -38.73 7.76
CA ASP C 45 -9.02 -38.58 6.47
C ASP C 45 -8.17 -37.30 6.45
N ARG C 46 -7.09 -37.33 5.67
CA ARG C 46 -6.08 -36.29 5.73
C ARG C 46 -5.64 -35.83 4.33
N PRO C 47 -6.03 -34.61 3.93
CA PRO C 47 -5.72 -34.14 2.58
C PRO C 47 -4.21 -34.11 2.31
N ALA C 48 -3.82 -34.37 1.08
CA ALA C 48 -2.40 -34.45 0.71
C ALA C 48 -1.67 -33.14 0.96
N GLY C 49 -0.44 -33.25 1.45
CA GLY C 49 0.32 -32.08 1.85
C GLY C 49 0.28 -31.90 3.36
N VAL C 50 -0.63 -32.62 4.01
CA VAL C 50 -0.71 -32.60 5.46
C VAL C 50 0.12 -33.75 6.03
N PRO C 51 1.06 -33.41 6.95
CA PRO C 51 2.02 -34.35 7.56
C PRO C 51 1.39 -35.36 8.50
N GLU C 52 2.07 -36.49 8.64
CA GLU C 52 1.56 -37.70 9.27
C GLU C 52 1.37 -37.64 10.79
N ARG C 53 2.03 -36.69 11.45
CA ARG C 53 1.90 -36.53 12.91
C ARG C 53 0.60 -35.85 13.32
N PHE C 54 -0.12 -35.31 12.35
CA PHE C 54 -1.50 -34.91 12.60
C PHE C 54 -2.41 -36.14 12.40
N SER C 55 -3.19 -36.46 13.42
CA SER C 55 -4.12 -37.59 13.39
C SER C 55 -5.28 -37.32 14.34
N ALA C 56 -6.35 -38.12 14.27
CA ALA C 56 -7.58 -37.79 15.01
C ALA C 56 -8.51 -38.98 15.25
N SER C 57 -9.56 -38.77 16.05
CA SER C 57 -10.37 -39.87 16.57
C SER C 57 -11.55 -40.28 15.69
N PRO C 58 -11.59 -41.56 15.30
CA PRO C 58 -12.70 -42.15 14.53
C PRO C 58 -13.95 -42.38 15.38
N ASP C 59 -15.04 -42.72 14.70
CA ASP C 59 -16.37 -42.66 15.31
C ASP C 59 -17.01 -44.02 15.57
N PHE C 60 -16.77 -44.59 16.75
CA PHE C 60 -17.35 -45.90 17.12
C PHE C 60 -18.47 -45.80 18.14
N ARG C 61 -18.47 -44.71 18.91
CA ARG C 61 -19.23 -44.67 20.16
C ARG C 61 -20.05 -43.40 20.34
N PRO C 62 -21.19 -43.52 21.03
CA PRO C 62 -22.00 -42.43 21.62
C PRO C 62 -21.29 -41.80 22.84
N GLY C 63 -21.77 -40.63 23.29
CA GLY C 63 -21.31 -40.00 24.52
C GLY C 63 -19.87 -39.50 24.62
N THR C 64 -19.14 -39.42 23.50
CA THR C 64 -17.72 -39.07 23.56
C THR C 64 -17.33 -37.74 22.91
N THR C 65 -16.09 -37.29 23.18
CA THR C 65 -15.58 -35.99 22.72
C THR C 65 -14.50 -36.09 21.64
N ALA C 66 -14.68 -35.37 20.54
CA ALA C 66 -13.71 -35.33 19.43
C ALA C 66 -12.30 -34.88 19.87
N THR C 67 -11.27 -35.62 19.42
CA THR C 67 -9.90 -35.34 19.84
C THR C 67 -8.89 -35.32 18.66
N LEU C 68 -8.04 -34.28 18.63
CA LEU C 68 -6.93 -34.18 17.70
C LEU C 68 -5.59 -34.44 18.38
N THR C 69 -4.72 -35.21 17.75
CA THR C 69 -3.40 -35.53 18.32
C THR C 69 -2.26 -34.96 17.45
N ILE C 70 -1.25 -34.34 18.08
CA ILE C 70 -0.05 -33.90 17.36
C ILE C 70 1.24 -34.46 17.97
N THR C 71 1.88 -35.39 17.25
CA THR C 71 3.10 -36.05 17.75
C THR C 71 4.35 -35.30 17.29
N ASN C 72 5.36 -35.20 18.16
CA ASN C 72 6.64 -34.55 17.83
C ASN C 72 6.54 -33.06 17.41
N VAL C 73 5.82 -32.29 18.22
CA VAL C 73 5.46 -30.91 17.90
C VAL C 73 6.65 -30.02 17.45
N ASP C 74 6.41 -29.21 16.41
CA ASP C 74 7.38 -28.31 15.80
C ASP C 74 6.95 -26.83 15.97
N ALA C 75 7.91 -25.90 15.99
CA ALA C 75 7.62 -24.45 16.13
C ALA C 75 6.54 -23.88 15.18
N GLU C 76 6.45 -24.43 13.97
CA GLU C 76 5.44 -24.02 12.99
C GLU C 76 4.01 -24.38 13.37
N ASP C 77 3.84 -25.19 14.41
CA ASP C 77 2.50 -25.67 14.78
C ASP C 77 1.71 -24.65 15.64
N GLU C 78 2.36 -23.56 16.03
CA GLU C 78 1.70 -22.47 16.75
C GLU C 78 0.55 -21.86 15.92
N ALA C 79 -0.67 -21.88 16.46
CA ALA C 79 -1.86 -21.42 15.75
C ALA C 79 -3.13 -21.56 16.60
N ASP C 80 -4.27 -21.11 16.04
CA ASP C 80 -5.59 -21.44 16.58
C ASP C 80 -6.18 -22.72 15.92
N TYR C 81 -6.93 -23.51 16.68
CA TYR C 81 -7.58 -24.73 16.16
C TYR C 81 -9.11 -24.73 16.32
N TYR C 82 -9.83 -25.15 15.28
CA TYR C 82 -11.31 -25.20 15.29
C TYR C 82 -11.85 -26.50 14.69
N CYS C 83 -13.04 -26.92 15.10
CA CYS C 83 -13.73 -28.08 14.48
C CYS C 83 -15.14 -27.71 13.97
N HIS C 84 -15.71 -28.54 13.08
CA HIS C 84 -17.03 -28.27 12.49
C HIS C 84 -17.84 -29.57 12.42
N ILE C 85 -18.97 -29.62 13.10
CA ILE C 85 -19.59 -30.92 13.41
C ILE C 85 -20.92 -31.18 12.72
N TYR C 86 -21.02 -32.34 12.07
CA TYR C 86 -22.26 -32.80 11.46
C TYR C 86 -22.79 -34.02 12.23
N ASP C 87 -24.03 -33.91 12.70
CA ASP C 87 -24.67 -34.97 13.48
C ASP C 87 -25.99 -35.39 12.84
N ALA C 88 -26.22 -36.68 12.68
CA ALA C 88 -27.52 -37.17 12.20
C ALA C 88 -28.73 -36.68 13.00
N ARG C 89 -28.51 -36.30 14.26
CA ARG C 89 -29.60 -35.93 15.17
C ARG C 89 -29.39 -34.59 15.89
N GLY C 90 -28.13 -34.30 16.25
CA GLY C 90 -27.79 -33.03 16.88
C GLY C 90 -28.05 -31.80 16.02
N GLY C 91 -27.82 -31.92 14.71
CA GLY C 91 -28.16 -30.85 13.78
C GLY C 91 -27.08 -30.38 12.82
N THR C 92 -27.29 -29.17 12.29
CA THR C 92 -26.37 -28.56 11.32
C THR C 92 -25.92 -27.19 11.84
N ASN C 93 -24.62 -27.02 12.02
CA ASN C 93 -24.09 -25.81 12.66
C ASN C 93 -23.65 -24.75 11.67
N TRP C 94 -23.85 -23.49 12.05
CA TRP C 94 -23.44 -22.36 11.22
C TRP C 94 -22.23 -21.62 11.82
N VAL C 95 -21.81 -22.02 13.03
CA VAL C 95 -20.59 -21.47 13.65
C VAL C 95 -19.58 -22.61 13.94
N PHE C 96 -18.30 -22.35 13.73
CA PHE C 96 -17.28 -23.32 14.13
C PHE C 96 -17.18 -23.39 15.65
N ASP C 97 -16.78 -24.55 16.18
CA ASP C 97 -16.56 -24.69 17.63
C ASP C 97 -15.07 -24.47 17.95
N ARG C 98 -14.79 -24.07 19.18
CA ARG C 98 -13.45 -23.68 19.57
C ARG C 98 -12.66 -24.82 20.19
N GLY C 99 -11.45 -25.04 19.69
CA GLY C 99 -10.53 -26.01 20.26
C GLY C 99 -9.58 -25.34 21.24
N THR C 100 -8.47 -24.81 20.73
CA THR C 100 -7.55 -24.04 21.57
C THR C 100 -6.68 -23.05 20.80
N THR C 101 -6.14 -22.10 21.55
CA THR C 101 -5.01 -21.30 21.10
C THR C 101 -3.69 -21.93 21.58
N LEU C 102 -2.91 -22.47 20.65
CA LEU C 102 -1.73 -23.25 21.01
C LEU C 102 -0.37 -22.55 20.88
N THR C 103 0.34 -22.44 22.01
CA THR C 103 1.68 -21.81 22.05
C THR C 103 2.77 -22.86 22.14
N VAL C 104 3.77 -22.77 21.26
CA VAL C 104 4.90 -23.70 21.34
C VAL C 104 6.09 -22.93 21.94
N LEU C 105 6.44 -23.24 23.20
CA LEU C 105 7.40 -22.41 23.96
C LEU C 105 8.78 -22.20 23.35
N GLY C 106 9.21 -20.94 23.24
CA GLY C 106 10.53 -20.60 22.72
C GLY C 106 11.45 -19.94 23.75
N GLN C 107 10.89 -19.48 24.88
CA GLN C 107 11.64 -18.69 25.88
C GLN C 107 10.99 -18.81 27.27
N PRO C 108 11.68 -18.34 28.35
CA PRO C 108 11.03 -18.49 29.66
C PRO C 108 9.78 -17.61 29.86
N LYS C 109 8.89 -18.08 30.73
CA LYS C 109 7.66 -17.36 31.06
C LYS C 109 7.95 -16.06 31.78
N ALA C 110 7.14 -15.03 31.51
CA ALA C 110 7.26 -13.71 32.15
C ALA C 110 5.92 -13.17 32.61
N ALA C 111 5.92 -12.51 33.78
CA ALA C 111 4.75 -11.80 34.29
C ALA C 111 4.66 -10.36 33.72
N PRO C 112 3.42 -9.89 33.48
CA PRO C 112 3.17 -8.57 32.89
C PRO C 112 3.45 -7.40 33.84
N SER C 113 4.01 -6.30 33.31
CA SER C 113 4.11 -5.05 34.05
C SER C 113 2.78 -4.27 33.98
N VAL C 114 2.33 -3.73 35.12
CA VAL C 114 1.07 -2.97 35.17
C VAL C 114 1.19 -1.54 35.71
N THR C 115 0.61 -0.59 34.97
CA THR C 115 0.50 0.81 35.45
C THR C 115 -0.97 1.29 35.40
N LEU C 116 -1.44 1.94 36.47
CA LEU C 116 -2.79 2.53 36.51
C LEU C 116 -2.77 4.06 36.66
N PHE C 117 -3.51 4.77 35.81
CA PHE C 117 -3.56 6.23 35.86
C PHE C 117 -4.96 6.75 36.20
N PRO C 118 -5.03 7.72 37.14
CA PRO C 118 -6.26 8.45 37.47
C PRO C 118 -6.52 9.53 36.40
N PRO C 119 -7.78 9.99 36.28
CA PRO C 119 -8.14 11.04 35.31
C PRO C 119 -7.40 12.37 35.55
N SER C 120 -6.96 13.02 34.48
CA SER C 120 -6.24 14.30 34.61
C SER C 120 -7.18 15.49 34.89
N SER C 121 -6.62 16.58 35.41
CA SER C 121 -7.38 17.78 35.73
C SER C 121 -7.95 18.47 34.48
N GLU C 122 -7.18 18.43 33.39
CA GLU C 122 -7.67 18.92 32.11
C GLU C 122 -8.98 18.24 31.69
N GLU C 123 -9.04 16.91 31.86
CA GLU C 123 -10.21 16.14 31.46
C GLU C 123 -11.42 16.48 32.33
N LEU C 124 -11.18 16.66 33.63
CA LEU C 124 -12.23 17.06 34.57
C LEU C 124 -12.82 18.45 34.28
N GLN C 125 -12.01 19.37 33.73
CA GLN C 125 -12.52 20.69 33.29
C GLN C 125 -13.48 20.53 32.12
N ALA C 126 -13.34 19.44 31.37
CA ALA C 126 -14.24 19.15 30.24
C ALA C 126 -15.43 18.28 30.66
N ASN C 127 -15.66 18.19 31.97
CA ASN C 127 -16.67 17.28 32.57
C ASN C 127 -16.54 15.80 32.13
N LYS C 128 -15.32 15.26 32.16
CA LYS C 128 -15.08 13.86 31.81
C LYS C 128 -14.26 13.13 32.86
N ALA C 129 -14.37 11.81 32.88
CA ALA C 129 -13.59 10.95 33.76
C ALA C 129 -13.20 9.68 33.00
N THR C 130 -11.94 9.26 33.14
CA THR C 130 -11.47 8.03 32.49
C THR C 130 -10.24 7.48 33.20
N LEU C 131 -10.31 6.22 33.62
CA LEU C 131 -9.17 5.53 34.23
C LEU C 131 -8.56 4.57 33.22
N VAL C 132 -7.23 4.49 33.22
CA VAL C 132 -6.52 3.74 32.18
C VAL C 132 -5.51 2.75 32.76
N CYS C 133 -5.62 1.49 32.36
CA CYS C 133 -4.81 0.37 32.86
C CYS C 133 -3.94 -0.20 31.73
N LEU C 134 -2.62 -0.03 31.82
CA LEU C 134 -1.73 -0.49 30.75
C LEU C 134 -0.88 -1.73 31.15
N ILE C 135 -0.85 -2.73 30.27
CA ILE C 135 -0.31 -4.06 30.60
C ILE C 135 0.70 -4.54 29.54
N SER C 136 1.96 -4.76 29.94
CA SER C 136 3.04 -5.02 28.95
C SER C 136 4.03 -6.16 29.29
N ASP C 137 4.81 -6.57 28.29
CA ASP C 137 5.95 -7.51 28.45
C ASP C 137 5.66 -8.89 29.10
N PHE C 138 4.52 -9.51 28.77
CA PHE C 138 4.17 -10.84 29.32
C PHE C 138 4.23 -11.97 28.25
N TYR C 139 4.30 -13.22 28.74
CA TYR C 139 4.43 -14.42 27.89
C TYR C 139 4.05 -15.73 28.61
N PRO C 140 3.19 -16.55 27.96
CA PRO C 140 2.62 -16.30 26.63
C PRO C 140 1.41 -15.36 26.66
N GLY C 141 0.93 -14.99 25.47
CA GLY C 141 0.00 -13.88 25.32
C GLY C 141 -1.49 -14.07 25.60
N ALA C 142 -1.84 -14.29 26.87
CA ALA C 142 -3.25 -14.30 27.27
C ALA C 142 -3.46 -13.81 28.71
N VAL C 143 -4.38 -12.86 28.92
CA VAL C 143 -4.68 -12.34 30.26
C VAL C 143 -6.18 -12.17 30.53
N THR C 144 -6.53 -11.91 31.79
CA THR C 144 -7.91 -11.65 32.20
C THR C 144 -7.99 -10.43 33.11
N VAL C 145 -8.90 -9.50 32.81
CA VAL C 145 -8.96 -8.23 33.53
C VAL C 145 -10.30 -8.02 34.24
N ALA C 146 -10.25 -7.53 35.49
CA ALA C 146 -11.48 -7.19 36.21
C ALA C 146 -11.35 -5.93 37.08
N TRP C 147 -12.46 -5.21 37.29
CA TRP C 147 -12.45 -3.95 38.03
C TRP C 147 -13.23 -3.99 39.36
N LYS C 148 -12.96 -3.03 40.24
CA LYS C 148 -13.63 -2.94 41.55
C LYS C 148 -13.81 -1.50 42.08
N ALA C 149 -14.87 -1.25 42.84
CA ALA C 149 -14.97 -0.04 43.68
C ALA C 149 -14.56 -0.43 45.10
N ASP C 150 -15.14 -1.53 45.54
CA ASP C 150 -14.65 -2.36 46.64
C ASP C 150 -15.39 -3.69 46.45
N SER C 151 -16.64 -3.58 46.02
CA SER C 151 -17.32 -4.67 45.30
C SER C 151 -17.03 -4.44 43.81
N SER C 152 -17.71 -5.15 42.92
CA SER C 152 -17.31 -5.12 41.51
C SER C 152 -18.37 -4.57 40.56
N PRO C 153 -17.93 -3.83 39.51
CA PRO C 153 -18.80 -3.41 38.40
C PRO C 153 -18.66 -4.30 37.17
N ALA C 156 -20.41 -2.47 33.78
CA ALA C 156 -20.65 -1.39 32.81
C ALA C 156 -19.63 -0.27 32.90
N GLY C 157 -19.19 0.21 31.73
CA GLY C 157 -18.24 1.30 31.65
C GLY C 157 -16.88 0.81 31.18
N VAL C 158 -16.83 -0.44 30.73
CA VAL C 158 -15.56 -1.10 30.50
C VAL C 158 -15.29 -1.49 29.03
N GLU C 159 -14.08 -1.21 28.55
CA GLU C 159 -13.68 -1.61 27.21
C GLU C 159 -12.23 -2.13 27.15
N THR C 160 -12.07 -3.42 26.86
CA THR C 160 -10.76 -4.08 26.90
C THR C 160 -10.30 -4.55 25.50
N THR C 161 -8.99 -4.46 25.25
CA THR C 161 -8.47 -4.80 23.92
C THR C 161 -7.98 -6.26 23.85
N THR C 162 -7.69 -6.71 22.62
CA THR C 162 -7.10 -8.02 22.39
C THR C 162 -5.58 -7.92 22.51
N PRO C 163 -4.92 -9.02 22.94
CA PRO C 163 -3.45 -9.10 23.06
C PRO C 163 -2.76 -8.81 21.74
N SER C 164 -1.60 -8.15 21.77
CA SER C 164 -0.85 -7.89 20.54
C SER C 164 0.67 -7.99 20.76
N LYS C 165 1.42 -8.16 19.68
CA LYS C 165 2.82 -8.59 19.75
C LYS C 165 3.88 -7.48 19.61
N GLN C 166 4.68 -7.27 20.65
CA GLN C 166 5.84 -6.36 20.59
C GLN C 166 7.02 -6.97 19.81
N SER C 167 8.03 -6.15 19.53
CA SER C 167 9.22 -6.57 18.77
C SER C 167 10.17 -7.53 19.50
N ASN C 168 10.01 -7.64 20.82
CA ASN C 168 10.78 -8.59 21.61
C ASN C 168 10.05 -9.92 21.79
N ASN C 169 8.96 -10.08 21.03
CA ASN C 169 8.14 -11.29 21.06
C ASN C 169 7.35 -11.53 22.37
N LYS C 170 7.18 -10.48 23.20
CA LYS C 170 6.23 -10.53 24.30
C LYS C 170 4.93 -9.82 23.90
N TYR C 171 3.96 -9.69 24.81
CA TYR C 171 2.65 -9.15 24.40
C TYR C 171 2.18 -7.99 25.27
N ALA C 172 1.15 -7.29 24.77
CA ALA C 172 0.64 -6.06 25.39
C ALA C 172 -0.88 -5.96 25.24
N ALA C 173 -1.52 -5.38 26.26
CA ALA C 173 -2.96 -5.09 26.26
C ALA C 173 -3.26 -3.79 27.01
N SER C 174 -4.53 -3.34 26.99
CA SER C 174 -4.98 -2.19 27.82
C SER C 174 -6.50 -2.21 28.10
N SER C 175 -6.91 -1.51 29.16
CA SER C 175 -8.32 -1.46 29.55
C SER C 175 -8.74 -0.06 30.05
N TYR C 176 -10.00 0.30 29.77
CA TYR C 176 -10.53 1.64 30.12
C TYR C 176 -11.82 1.55 30.94
N LEU C 177 -11.97 2.48 31.89
CA LEU C 177 -13.19 2.63 32.68
C LEU C 177 -13.72 4.07 32.56
N SER C 178 -14.95 4.22 32.06
CA SER C 178 -15.55 5.57 31.89
C SER C 178 -16.61 5.88 32.93
N LEU C 179 -16.45 7.01 33.61
CA LEU C 179 -17.36 7.43 34.68
C LEU C 179 -17.73 8.92 34.52
N THR C 180 -18.59 9.39 35.43
CA THR C 180 -18.82 10.82 35.58
C THR C 180 -17.88 11.33 36.66
N PRO C 181 -17.53 12.63 36.62
CA PRO C 181 -16.80 13.27 37.72
C PRO C 181 -17.45 13.00 39.08
N GLU C 182 -18.78 12.98 39.09
CA GLU C 182 -19.55 12.73 40.30
C GLU C 182 -19.37 11.31 40.82
N GLN C 183 -19.37 10.34 39.91
CA GLN C 183 -19.12 8.95 40.28
C GLN C 183 -17.68 8.79 40.78
N TRP C 184 -16.77 9.54 40.19
CA TRP C 184 -15.36 9.49 40.55
C TRP C 184 -15.11 9.95 42.00
N LYS C 185 -15.96 10.83 42.49
CA LYS C 185 -15.82 11.31 43.85
C LYS C 185 -16.94 10.78 44.75
N SER C 186 -17.63 9.75 44.27
CA SER C 186 -18.60 9.02 45.06
C SER C 186 -17.86 8.07 46.01
N HIS C 187 -17.08 7.18 45.43
CA HIS C 187 -16.42 6.12 46.19
C HIS C 187 -15.07 6.53 46.76
N LYS C 188 -14.42 5.59 47.42
CA LYS C 188 -13.17 5.84 48.15
C LYS C 188 -11.94 5.41 47.36
N SER C 189 -12.01 4.25 46.71
CA SER C 189 -10.91 3.78 45.89
C SER C 189 -11.39 3.00 44.68
N TYR C 190 -10.54 2.89 43.67
CA TYR C 190 -10.80 2.00 42.54
C TYR C 190 -9.61 1.07 42.30
N SER C 191 -9.87 -0.09 41.68
CA SER C 191 -8.79 -1.06 41.47
C SER C 191 -8.82 -1.78 40.11
N CYS C 192 -7.63 -2.10 39.61
CA CYS C 192 -7.44 -2.89 38.38
C CYS C 192 -6.81 -4.23 38.79
N GLN C 193 -7.44 -5.33 38.38
CA GLN C 193 -6.95 -6.68 38.69
C GLN C 193 -6.71 -7.50 37.42
N VAL C 194 -5.45 -7.89 37.19
CA VAL C 194 -5.12 -8.70 36.02
C VAL C 194 -4.54 -10.05 36.45
N THR C 195 -4.73 -11.08 35.63
CA THR C 195 -4.44 -12.46 36.03
C THR C 195 -3.73 -13.23 34.90
N HIS C 196 -2.58 -13.81 35.23
CA HIS C 196 -1.74 -14.51 34.23
C HIS C 196 -1.32 -15.88 34.78
N GLU C 197 -1.92 -16.93 34.21
CA GLU C 197 -1.65 -18.31 34.60
C GLU C 197 -1.95 -18.62 36.05
N GLY C 198 -3.11 -18.17 36.51
CA GLY C 198 -3.56 -18.47 37.86
C GLY C 198 -3.03 -17.50 38.88
N SER C 199 -1.96 -16.78 38.53
CA SER C 199 -1.40 -15.77 39.43
C SER C 199 -2.03 -14.38 39.17
N THR C 200 -2.28 -13.61 40.23
CA THR C 200 -2.91 -12.28 40.09
C THR C 200 -2.09 -11.10 40.66
N VAL C 201 -2.06 -9.98 39.92
CA VAL C 201 -1.54 -8.69 40.40
C VAL C 201 -2.68 -7.66 40.48
N GLU C 202 -2.52 -6.62 41.32
CA GLU C 202 -3.55 -5.59 41.44
C GLU C 202 -3.00 -4.18 41.73
N LYS C 203 -3.72 -3.14 41.27
CA LYS C 203 -3.31 -1.74 41.52
C LYS C 203 -4.46 -0.89 42.05
N THR C 204 -4.15 0.28 42.59
CA THR C 204 -5.18 1.11 43.24
C THR C 204 -4.93 2.62 43.13
N VAL C 205 -5.99 3.38 42.85
CA VAL C 205 -5.93 4.84 42.88
C VAL C 205 -7.14 5.44 43.60
N ALA C 206 -6.96 6.62 44.19
CA ALA C 206 -8.01 7.29 44.96
C ALA C 206 -8.10 8.81 44.66
N PRO C 207 -9.32 9.37 44.74
CA PRO C 207 -9.64 10.78 44.44
C PRO C 207 -8.88 11.81 45.27
N THR C 208 -8.50 11.44 46.50
CA THR C 208 -7.84 12.38 47.41
C THR C 208 -6.33 12.24 47.37
N GLN D 1 -4.36 -25.18 -11.39
CA GLN D 1 -4.22 -24.63 -10.06
C GLN D 1 -5.27 -23.58 -9.77
N LEU D 2 -6.13 -23.85 -8.79
CA LEU D 2 -7.18 -22.92 -8.38
C LEU D 2 -6.64 -21.66 -7.69
N HIS D 3 -7.44 -20.60 -7.71
CA HIS D 3 -7.09 -19.32 -7.10
C HIS D 3 -8.37 -18.52 -6.91
N LEU D 4 -8.49 -17.81 -5.79
CA LEU D 4 -9.68 -17.00 -5.50
C LEU D 4 -9.26 -15.60 -5.00
N GLN D 5 -9.89 -14.55 -5.53
CA GLN D 5 -9.58 -13.19 -5.08
C GLN D 5 -10.85 -12.35 -4.87
N GLU D 6 -10.99 -11.81 -3.65
CA GLU D 6 -12.16 -11.03 -3.27
C GLU D 6 -11.95 -9.51 -3.43
N SER D 7 -13.03 -8.81 -3.80
CA SER D 7 -13.04 -7.35 -3.91
C SER D 7 -14.24 -6.73 -3.19
N GLY D 8 -13.99 -5.64 -2.47
CA GLY D 8 -15.01 -4.91 -1.75
C GLY D 8 -14.66 -3.43 -1.61
N PRO D 9 -15.54 -2.64 -0.99
CA PRO D 9 -15.45 -1.18 -0.91
C PRO D 9 -14.56 -0.65 0.24
N GLY D 10 -14.58 -1.31 1.40
CA GLY D 10 -13.73 -0.91 2.51
C GLY D 10 -14.51 -0.26 3.64
N LEU D 11 -14.90 1.00 3.46
CA LEU D 11 -15.77 1.71 4.40
C LEU D 11 -17.14 2.00 3.74
N VAL D 12 -18.21 1.82 4.53
CA VAL D 12 -19.60 1.97 4.05
C VAL D 12 -20.47 2.71 5.08
N LYS D 13 -21.00 3.86 4.70
CA LYS D 13 -21.78 4.68 5.63
C LYS D 13 -23.27 4.59 5.33
N PRO D 14 -23.99 3.81 6.15
CA PRO D 14 -25.36 3.40 5.83
C PRO D 14 -26.50 4.41 5.73
N PRO D 15 -26.89 4.75 4.49
CA PRO D 15 -28.23 4.20 4.25
C PRO D 15 -28.03 3.18 3.13
N GLU D 16 -26.77 3.11 2.68
CA GLU D 16 -26.31 2.27 1.56
C GLU D 16 -25.98 0.80 1.91
N THR D 17 -25.91 -0.04 0.87
CA THR D 17 -25.76 -1.49 1.02
C THR D 17 -24.39 -2.03 0.57
N LEU D 18 -24.12 -3.29 0.94
CA LEU D 18 -22.81 -3.92 0.70
C LEU D 18 -22.82 -4.93 -0.44
N SER D 19 -21.85 -4.80 -1.35
CA SER D 19 -21.75 -5.66 -2.53
C SER D 19 -20.33 -6.18 -2.66
N LEU D 20 -20.16 -7.50 -2.81
CA LEU D 20 -18.81 -8.08 -2.88
C LEU D 20 -18.64 -9.03 -4.06
N THR D 21 -17.39 -9.17 -4.51
CA THR D 21 -17.10 -9.99 -5.69
C THR D 21 -15.91 -10.95 -5.49
N CYS D 22 -16.02 -12.15 -6.07
CA CYS D 22 -14.96 -13.15 -5.97
C CYS D 22 -14.60 -13.69 -7.36
N SER D 23 -13.35 -13.46 -7.76
CA SER D 23 -12.86 -13.85 -9.09
C SER D 23 -12.10 -15.19 -9.09
N VAL D 24 -12.46 -16.07 -10.02
CA VAL D 24 -11.97 -17.44 -10.06
C VAL D 24 -11.12 -17.73 -11.31
N SER D 25 -9.85 -18.11 -11.09
CA SER D 25 -8.97 -18.60 -12.16
C SER D 25 -8.42 -19.99 -11.83
N GLY D 26 -8.44 -20.90 -12.81
CA GLY D 26 -7.99 -22.26 -12.59
C GLY D 26 -9.05 -23.34 -12.79
N ALA D 27 -10.32 -22.92 -12.86
CA ALA D 27 -11.45 -23.81 -13.08
C ALA D 27 -12.70 -23.00 -13.35
N SER D 28 -13.86 -23.67 -13.40
CA SER D 28 -15.11 -23.06 -13.90
C SER D 28 -16.24 -22.95 -12.86
N ILE D 29 -16.88 -21.77 -12.80
CA ILE D 29 -18.05 -21.50 -11.96
C ILE D 29 -19.08 -22.65 -11.81
N ASN D 30 -19.40 -23.34 -12.90
CA ASN D 30 -20.44 -24.38 -12.84
C ASN D 30 -19.96 -25.78 -12.43
N ASP D 31 -18.72 -25.85 -11.96
CA ASP D 31 -18.11 -27.13 -11.58
C ASP D 31 -18.16 -27.47 -10.09
N ALA D 32 -18.71 -26.60 -9.26
CA ALA D 32 -18.72 -26.86 -7.81
C ALA D 32 -19.74 -26.04 -7.04
N TYR D 33 -19.73 -26.19 -5.71
CA TYR D 33 -20.50 -25.34 -4.82
C TYR D 33 -19.58 -24.22 -4.32
N TRP D 34 -20.14 -23.05 -3.99
CA TRP D 34 -19.31 -21.94 -3.48
C TRP D 34 -19.80 -21.39 -2.13
N SER D 35 -18.85 -21.02 -1.25
CA SER D 35 -19.19 -20.58 0.12
C SER D 35 -18.62 -19.22 0.55
N TRP D 36 -19.45 -18.42 1.24
CA TRP D 36 -19.01 -17.21 1.95
C TRP D 36 -18.97 -17.38 3.48
N ILE D 37 -17.84 -17.02 4.10
CA ILE D 37 -17.66 -17.01 5.58
C ILE D 37 -17.08 -15.66 6.08
N ARG D 38 -17.56 -15.18 7.24
CA ARG D 38 -17.05 -13.93 7.86
C ARG D 38 -16.49 -14.10 9.29
N GLN D 39 -15.68 -13.13 9.74
CA GLN D 39 -14.98 -13.21 11.04
C GLN D 39 -14.57 -11.83 11.62
N SER D 40 -15.04 -11.51 12.83
CA SER D 40 -14.54 -10.35 13.60
C SER D 40 -13.31 -10.75 14.43
N PRO D 41 -12.34 -9.83 14.60
CA PRO D 41 -11.03 -10.21 15.15
C PRO D 41 -11.14 -10.81 16.57
N GLY D 42 -10.60 -12.00 16.75
CA GLY D 42 -10.71 -12.70 18.01
C GLY D 42 -12.05 -13.42 18.22
N LYS D 43 -12.72 -13.81 17.12
CA LYS D 43 -13.97 -14.56 17.24
C LYS D 43 -13.90 -15.84 16.42
N ARG D 44 -14.92 -16.66 16.52
CA ARG D 44 -15.03 -17.89 15.72
C ARG D 44 -15.58 -17.55 14.34
N PRO D 45 -15.07 -18.23 13.29
CA PRO D 45 -15.63 -18.07 11.93
C PRO D 45 -17.14 -18.35 11.91
N GLU D 46 -17.90 -17.52 11.19
CA GLU D 46 -19.35 -17.74 11.04
C GLU D 46 -19.74 -17.96 9.57
N TRP D 47 -20.41 -19.08 9.28
CA TRP D 47 -20.77 -19.49 7.90
C TRP D 47 -22.03 -18.78 7.37
N VAL D 48 -21.89 -18.02 6.29
CA VAL D 48 -23.04 -17.27 5.74
C VAL D 48 -23.99 -18.11 4.87
N GLY D 49 -23.45 -18.91 3.96
CA GLY D 49 -24.28 -19.68 3.03
C GLY D 49 -23.49 -20.36 1.92
N TYR D 50 -24.21 -21.07 1.02
CA TYR D 50 -23.59 -21.66 -0.18
C TYR D 50 -24.53 -21.69 -1.39
N VAL D 51 -23.97 -21.86 -2.59
CA VAL D 51 -24.75 -21.73 -3.83
C VAL D 51 -24.29 -22.69 -4.94
N HIS D 52 -25.25 -23.28 -5.65
CA HIS D 52 -24.98 -24.14 -6.81
C HIS D 52 -25.85 -23.72 -8.01
N HIS D 53 -25.32 -23.86 -9.22
CA HIS D 53 -26.00 -23.36 -10.42
C HIS D 53 -27.26 -24.16 -10.73
N SER D 54 -27.32 -25.41 -10.25
CA SER D 54 -28.50 -26.25 -10.43
C SER D 54 -29.64 -25.74 -9.56
N GLY D 55 -29.31 -24.86 -8.60
CA GLY D 55 -30.31 -24.21 -7.78
C GLY D 55 -30.47 -24.78 -6.38
N ASP D 56 -29.46 -25.49 -5.89
CA ASP D 56 -29.46 -25.95 -4.50
C ASP D 56 -28.71 -24.94 -3.62
N THR D 57 -29.41 -23.87 -3.22
CA THR D 57 -28.78 -22.78 -2.48
C THR D 57 -29.41 -22.59 -1.08
N ASN D 58 -28.60 -22.23 -0.09
CA ASN D 58 -29.07 -22.16 1.29
C ASN D 58 -28.39 -21.09 2.15
N TYR D 59 -29.15 -20.47 3.06
CA TYR D 59 -28.67 -19.35 3.90
C TYR D 59 -28.82 -19.57 5.42
N ASN D 60 -27.83 -19.09 6.18
CA ASN D 60 -27.90 -19.02 7.65
C ASN D 60 -29.16 -18.26 8.09
N PRO D 61 -30.01 -18.93 8.89
CA PRO D 61 -31.33 -18.42 9.29
C PRO D 61 -31.28 -17.09 10.05
N SER D 62 -30.15 -16.79 10.67
CA SER D 62 -30.01 -15.53 11.40
C SER D 62 -29.73 -14.35 10.46
N LEU D 63 -29.34 -14.68 9.23
CA LEU D 63 -29.04 -13.69 8.18
C LEU D 63 -30.04 -13.70 7.00
N LYS D 64 -30.67 -14.87 6.80
CA LYS D 64 -31.48 -15.19 5.62
C LYS D 64 -32.20 -14.02 4.92
N ARG D 65 -32.96 -13.25 5.68
CA ARG D 65 -33.81 -12.23 5.10
C ARG D 65 -33.05 -11.06 4.47
N ARG D 66 -31.73 -10.99 4.70
CA ARG D 66 -30.96 -9.81 4.31
C ARG D 66 -29.86 -10.09 3.28
N VAL D 67 -29.65 -11.35 2.92
CA VAL D 67 -28.57 -11.72 2.00
C VAL D 67 -29.06 -12.33 0.70
N THR D 68 -28.23 -12.21 -0.33
CA THR D 68 -28.53 -12.76 -1.66
C THR D 68 -27.23 -13.17 -2.34
N PHE D 69 -27.22 -14.37 -2.92
CA PHE D 69 -26.06 -14.85 -3.69
C PHE D 69 -26.31 -14.78 -5.21
N SER D 70 -25.24 -14.70 -6.00
CA SER D 70 -25.35 -14.73 -7.47
C SER D 70 -24.14 -15.32 -8.20
N LEU D 71 -24.38 -15.94 -9.35
CA LEU D 71 -23.32 -16.49 -10.19
C LEU D 71 -23.32 -15.85 -11.59
N ASP D 72 -22.14 -15.70 -12.20
CA ASP D 72 -22.03 -15.02 -13.50
C ASP D 72 -21.01 -15.64 -14.46
N THR D 73 -21.53 -16.28 -15.51
CA THR D 73 -20.72 -17.13 -16.40
C THR D 73 -19.68 -16.36 -17.21
N ALA D 74 -20.07 -15.22 -17.78
CA ALA D 74 -19.19 -14.44 -18.64
C ALA D 74 -17.95 -13.89 -17.93
N LYS D 75 -18.10 -13.46 -16.67
CA LYS D 75 -16.96 -12.95 -15.90
C LYS D 75 -16.33 -14.04 -15.04
N ASN D 76 -16.98 -15.21 -14.98
CA ASN D 76 -16.61 -16.29 -14.05
C ASN D 76 -16.53 -15.74 -12.60
N GLU D 77 -17.63 -15.14 -12.14
CA GLU D 77 -17.66 -14.45 -10.85
C GLU D 77 -18.79 -14.88 -9.92
N VAL D 78 -18.49 -14.84 -8.63
CA VAL D 78 -19.47 -15.15 -7.58
C VAL D 78 -19.72 -13.85 -6.81
N SER D 79 -20.98 -13.50 -6.59
CA SER D 79 -21.28 -12.22 -5.94
C SER D 79 -22.05 -12.36 -4.62
N LEU D 80 -21.87 -11.37 -3.75
CA LEU D 80 -22.55 -11.33 -2.46
C LEU D 80 -23.22 -9.97 -2.22
N LYS D 81 -24.51 -10.01 -1.86
CA LYS D 81 -25.28 -8.79 -1.59
C LYS D 81 -25.97 -8.81 -0.20
N LEU D 82 -25.79 -7.72 0.57
CA LEU D 82 -26.34 -7.61 1.94
C LEU D 82 -26.97 -6.22 2.24
N VAL D 83 -28.23 -6.21 2.70
CA VAL D 83 -28.97 -4.96 2.96
C VAL D 83 -29.35 -4.73 4.45
N ASP D 84 -29.80 -3.52 4.78
CA ASP D 84 -30.13 -3.09 6.16
C ASP D 84 -28.94 -3.09 7.16
N LEU D 85 -27.81 -2.52 6.74
CA LEU D 85 -26.55 -2.62 7.49
C LEU D 85 -26.54 -2.05 8.93
N THR D 86 -25.58 -2.55 9.73
CA THR D 86 -25.31 -2.07 11.10
C THR D 86 -23.82 -2.29 11.45
N ALA D 87 -23.37 -1.76 12.59
CA ALA D 87 -21.97 -1.93 13.03
C ALA D 87 -21.63 -3.40 13.28
N ALA D 88 -22.65 -4.17 13.67
CA ALA D 88 -22.49 -5.59 13.92
C ALA D 88 -22.13 -6.40 12.65
N ASP D 89 -22.12 -5.73 11.49
CA ASP D 89 -21.76 -6.37 10.21
C ASP D 89 -20.29 -6.13 9.81
N SER D 90 -19.58 -5.30 10.58
CA SER D 90 -18.13 -5.14 10.42
C SER D 90 -17.38 -6.47 10.62
N ALA D 91 -16.55 -6.85 9.64
CA ALA D 91 -15.72 -8.06 9.70
C ALA D 91 -14.83 -8.27 8.48
N THR D 92 -14.01 -9.34 8.54
CA THR D 92 -13.27 -9.84 7.36
C THR D 92 -14.12 -10.89 6.61
N TYR D 93 -14.28 -10.72 5.29
CA TYR D 93 -15.12 -11.64 4.49
C TYR D 93 -14.30 -12.59 3.60
N PHE D 94 -14.61 -13.89 3.66
CA PHE D 94 -13.89 -14.92 2.89
C PHE D 94 -14.77 -15.65 1.88
N CYS D 95 -14.20 -15.93 0.70
CA CYS D 95 -14.78 -16.72 -0.39
C CYS D 95 -14.16 -18.13 -0.41
N ALA D 96 -14.95 -19.18 -0.69
CA ALA D 96 -14.37 -20.55 -0.71
C ALA D 96 -15.09 -21.62 -1.55
N ARG D 97 -14.32 -22.60 -2.05
CA ARG D 97 -14.90 -23.80 -2.71
C ARG D 97 -15.26 -24.94 -1.73
N ALA D 98 -16.53 -25.35 -1.77
CA ALA D 98 -17.07 -26.37 -0.87
C ALA D 98 -17.27 -27.74 -1.54
N LEU D 99 -16.61 -28.79 -1.01
CA LEU D 99 -16.81 -30.16 -1.53
C LEU D 99 -17.76 -30.92 -0.59
N HIS D 100 -18.38 -32.00 -1.07
CA HIS D 100 -19.30 -32.74 -0.20
C HIS D 100 -19.14 -34.26 -0.29
N GLY D 101 -19.65 -34.96 0.72
CA GLY D 101 -19.65 -36.42 0.74
C GLY D 101 -20.84 -37.03 1.48
N LYS D 102 -21.00 -38.36 1.38
CA LYS D 102 -22.08 -39.05 2.08
C LYS D 102 -21.59 -39.92 3.25
N ARG D 103 -22.25 -39.78 4.41
CA ARG D 103 -21.97 -40.64 5.58
C ARG D 103 -23.09 -41.68 5.73
N ILE D 104 -22.77 -42.96 5.53
CA ILE D 104 -23.77 -44.02 5.68
C ILE D 104 -23.59 -44.79 6.99
N TYR D 105 -24.63 -44.82 7.81
CA TYR D 105 -24.52 -45.47 9.13
C TYR D 105 -25.53 -46.61 9.34
N GLY D 106 -26.27 -46.96 8.29
CA GLY D 106 -27.27 -48.03 8.36
C GLY D 106 -27.73 -48.48 6.98
N ILE D 107 -28.99 -48.92 6.88
CA ILE D 107 -29.58 -49.42 5.62
C ILE D 107 -30.05 -48.30 4.70
N VAL D 108 -29.39 -48.14 3.56
CA VAL D 108 -29.63 -46.97 2.70
C VAL D 108 -31.08 -46.84 2.23
N ALA D 109 -31.72 -47.97 1.96
CA ALA D 109 -33.11 -47.91 1.47
C ALA D 109 -34.09 -47.40 2.55
N LEU D 110 -33.64 -47.30 3.79
CA LEU D 110 -34.51 -46.81 4.88
C LEU D 110 -34.30 -45.32 5.19
N GLY D 111 -33.23 -44.74 4.65
CA GLY D 111 -32.95 -43.32 4.86
C GLY D 111 -31.83 -43.05 5.85
N GLU D 112 -30.98 -44.05 6.08
CA GLU D 112 -29.96 -43.96 7.13
C GLU D 112 -28.61 -43.43 6.67
N LEU D 113 -28.61 -42.17 6.23
CA LEU D 113 -27.40 -41.48 5.77
C LEU D 113 -27.64 -39.96 5.72
N PHE D 114 -26.57 -39.16 5.78
CA PHE D 114 -26.72 -37.71 5.63
C PHE D 114 -25.53 -37.11 4.88
N THR D 115 -25.66 -35.86 4.45
CA THR D 115 -24.64 -35.15 3.65
C THR D 115 -23.79 -34.26 4.53
N TYR D 116 -22.55 -33.98 4.11
CA TYR D 116 -21.66 -33.06 4.85
C TYR D 116 -20.77 -32.27 3.88
N PHE D 117 -20.45 -31.02 4.23
CA PHE D 117 -19.59 -30.19 3.39
C PHE D 117 -18.25 -29.90 4.07
N TYR D 118 -17.19 -29.76 3.28
CA TYR D 118 -15.88 -29.36 3.80
C TYR D 118 -15.12 -28.42 2.85
N MET D 119 -14.41 -27.42 3.40
CA MET D 119 -13.80 -26.36 2.55
C MET D 119 -12.28 -26.47 2.34
N ASP D 120 -11.86 -26.87 1.14
CA ASP D 120 -10.44 -27.13 0.86
C ASP D 120 -9.59 -25.99 0.25
N VAL D 121 -10.23 -24.96 -0.30
CA VAL D 121 -9.51 -23.84 -0.94
C VAL D 121 -10.15 -22.50 -0.54
N TRP D 122 -9.32 -21.52 -0.14
CA TRP D 122 -9.83 -20.23 0.36
C TRP D 122 -9.15 -19.06 -0.34
N GLY D 123 -9.83 -17.91 -0.40
CA GLY D 123 -9.15 -16.67 -0.80
C GLY D 123 -8.52 -15.98 0.41
N LYS D 124 -7.88 -14.83 0.19
CA LYS D 124 -7.22 -14.10 1.29
C LYS D 124 -8.16 -13.24 2.13
N GLY D 125 -9.31 -12.85 1.57
CA GLY D 125 -10.29 -12.05 2.30
C GLY D 125 -10.28 -10.55 2.02
N THR D 126 -11.34 -9.84 2.41
CA THR D 126 -11.40 -8.37 2.32
C THR D 126 -12.06 -7.70 3.57
N ALA D 127 -11.37 -6.72 4.16
CA ALA D 127 -11.85 -6.06 5.38
C ALA D 127 -12.97 -5.02 5.13
N VAL D 128 -14.01 -5.08 5.96
CA VAL D 128 -15.20 -4.25 5.78
C VAL D 128 -15.61 -3.58 7.09
N THR D 129 -15.72 -2.25 7.06
CA THR D 129 -16.10 -1.43 8.22
C THR D 129 -17.44 -0.71 7.98
N VAL D 130 -18.40 -0.90 8.88
CA VAL D 130 -19.70 -0.23 8.76
C VAL D 130 -19.90 0.84 9.86
N SER D 131 -19.87 2.10 9.47
CA SER D 131 -20.00 3.19 10.43
C SER D 131 -20.93 4.29 9.94
N SER D 132 -21.84 4.72 10.81
CA SER D 132 -22.65 5.89 10.53
C SER D 132 -22.07 7.16 11.18
N ALA D 133 -20.74 7.32 11.15
CA ALA D 133 -20.09 8.50 11.75
C ALA D 133 -19.17 9.26 10.78
N SER D 134 -18.81 10.49 11.15
CA SER D 134 -18.01 11.38 10.29
C SER D 134 -16.69 11.85 10.93
N THR D 135 -15.76 12.30 10.07
CA THR D 135 -14.40 12.67 10.45
C THR D 135 -14.31 13.62 11.66
N LYS D 136 -13.35 13.37 12.56
CA LYS D 136 -13.12 14.21 13.73
C LYS D 136 -11.73 14.01 14.34
N GLY D 137 -10.93 15.08 14.45
CA GLY D 137 -9.62 15.00 15.08
C GLY D 137 -9.68 14.74 16.59
N PRO D 138 -8.57 14.25 17.18
CA PRO D 138 -8.55 13.79 18.58
C PRO D 138 -8.23 14.91 19.56
N SER D 139 -8.71 14.80 20.81
CA SER D 139 -8.12 15.61 21.87
C SER D 139 -7.02 14.85 22.65
N VAL D 140 -6.03 15.59 23.18
CA VAL D 140 -4.86 15.00 23.85
C VAL D 140 -4.64 15.47 25.31
N PHE D 141 -4.69 14.54 26.27
CA PHE D 141 -4.48 14.85 27.69
C PHE D 141 -3.23 14.16 28.28
N PRO D 142 -2.51 14.85 29.17
CA PRO D 142 -1.29 14.28 29.78
C PRO D 142 -1.59 13.24 30.88
N LEU D 143 -0.76 12.21 30.96
CA LEU D 143 -0.85 11.21 32.02
C LEU D 143 0.36 11.39 32.96
N ALA D 144 0.15 12.07 34.09
CA ALA D 144 1.28 12.51 34.92
C ALA D 144 1.48 11.65 36.19
N PRO D 145 2.74 11.28 36.45
CA PRO D 145 3.10 10.49 37.64
C PRO D 145 3.10 11.37 38.91
N SER D 146 2.68 10.80 40.04
CA SER D 146 2.71 11.52 41.31
C SER D 146 4.13 11.91 41.73
N THR D 150 5.23 7.07 44.23
CA THR D 150 5.78 8.33 43.75
C THR D 150 6.92 8.09 42.75
N SER D 151 8.13 8.54 43.08
CA SER D 151 9.29 8.37 42.20
C SER D 151 10.49 7.79 42.96
N GLY D 152 10.50 6.47 43.16
CA GLY D 152 11.59 5.80 43.82
C GLY D 152 12.53 5.14 42.82
N GLY D 153 12.97 5.91 41.83
CA GLY D 153 13.91 5.44 40.83
C GLY D 153 13.52 5.78 39.40
N THR D 154 12.41 5.21 38.93
CA THR D 154 11.94 5.49 37.59
C THR D 154 10.64 6.31 37.62
N ALA D 155 10.29 6.90 36.49
CA ALA D 155 9.00 7.58 36.34
C ALA D 155 8.33 7.14 35.06
N ALA D 156 7.02 6.92 35.12
CA ALA D 156 6.25 6.59 33.92
C ALA D 156 5.41 7.80 33.47
N LEU D 157 5.62 8.26 32.24
CA LEU D 157 4.86 9.42 31.72
C LEU D 157 4.07 9.05 30.48
N GLY D 158 2.85 9.59 30.34
CA GLY D 158 1.99 9.21 29.24
C GLY D 158 1.14 10.29 28.58
N CYS D 159 0.65 9.99 27.38
CA CYS D 159 -0.39 10.82 26.74
C CYS D 159 -1.54 9.99 26.17
N LEU D 160 -2.76 10.45 26.49
CA LEU D 160 -3.99 9.79 26.06
C LEU D 160 -4.59 10.47 24.82
N VAL D 161 -4.80 9.71 23.74
CA VAL D 161 -5.34 10.26 22.49
C VAL D 161 -6.83 9.94 22.30
N LYS D 162 -7.70 10.94 22.51
CA LYS D 162 -9.13 10.70 22.76
C LYS D 162 -10.17 11.09 21.69
N ASP D 163 -11.13 10.19 21.47
CA ASP D 163 -12.30 10.37 20.57
C ASP D 163 -12.01 10.83 19.13
N TYR D 164 -11.46 9.95 18.30
CA TYR D 164 -11.11 10.33 16.92
C TYR D 164 -11.73 9.41 15.82
N PHE D 165 -11.80 9.91 14.57
CA PHE D 165 -12.35 9.13 13.45
C PHE D 165 -11.92 9.63 12.05
N PRO D 166 -11.46 8.71 11.18
CA PRO D 166 -11.26 7.27 11.47
C PRO D 166 -9.79 6.89 11.63
N GLU D 167 -9.49 5.58 11.66
CA GLU D 167 -8.11 5.09 11.65
C GLU D 167 -7.36 5.57 10.41
N PRO D 168 -6.02 5.70 10.49
CA PRO D 168 -5.10 5.49 11.62
C PRO D 168 -4.60 6.80 12.25
N VAL D 169 -3.77 6.67 13.27
CA VAL D 169 -3.12 7.81 13.91
C VAL D 169 -1.73 7.34 14.38
N THR D 170 -0.74 8.23 14.39
CA THR D 170 0.61 7.85 14.84
C THR D 170 1.14 8.72 16.00
N VAL D 171 1.93 8.10 16.89
CA VAL D 171 2.55 8.79 18.01
C VAL D 171 4.07 8.65 18.00
N SER D 172 4.80 9.73 18.31
CA SER D 172 6.24 9.60 18.66
C SER D 172 6.70 10.53 19.82
N TRP D 173 7.90 10.28 20.33
CA TRP D 173 8.40 11.07 21.46
C TRP D 173 9.66 11.88 21.13
N ASN D 174 9.71 13.10 21.65
CA ASN D 174 10.80 14.05 21.37
C ASN D 174 11.19 14.13 19.87
N SER D 175 10.18 14.27 19.02
CA SER D 175 10.36 14.47 17.57
C SER D 175 10.91 13.24 16.87
N GLY D 176 10.76 12.08 17.48
CA GLY D 176 11.22 10.85 16.86
C GLY D 176 12.52 10.28 17.42
N ALA D 177 13.30 11.09 18.13
CA ALA D 177 14.62 10.63 18.60
C ALA D 177 14.60 9.58 19.73
N LEU D 178 13.51 9.49 20.49
CA LEU D 178 13.48 8.64 21.71
C LEU D 178 12.73 7.28 21.53
N THR D 179 13.50 6.19 21.52
CA THR D 179 12.95 4.84 21.33
C THR D 179 12.94 3.95 22.58
N SER D 180 14.02 4.03 23.37
CA SER D 180 14.26 3.10 24.46
C SER D 180 13.25 3.28 25.59
N GLY D 181 12.64 2.18 26.02
CA GLY D 181 11.59 2.21 27.03
C GLY D 181 10.23 2.74 26.56
N VAL D 182 9.96 2.74 25.25
CA VAL D 182 8.66 3.21 24.71
C VAL D 182 7.71 2.08 24.35
N HIS D 183 6.45 2.16 24.80
CA HIS D 183 5.38 1.27 24.32
C HIS D 183 4.18 2.08 23.82
N THR D 184 3.59 1.69 22.70
CA THR D 184 2.37 2.34 22.17
C THR D 184 1.26 1.33 21.88
N PHE D 185 0.08 1.52 22.45
CA PHE D 185 -0.95 0.47 22.44
C PHE D 185 -2.04 0.64 21.36
N PRO D 186 -2.53 -0.47 20.78
CA PRO D 186 -3.61 -0.40 19.78
C PRO D 186 -4.92 0.15 20.36
N ALA D 187 -5.87 0.55 19.50
CA ALA D 187 -7.04 1.32 19.95
C ALA D 187 -8.25 0.49 20.39
N VAL D 188 -9.11 1.12 21.20
CA VAL D 188 -10.45 0.61 21.52
C VAL D 188 -11.51 1.37 20.72
N LEU D 189 -12.67 0.75 20.47
CA LEU D 189 -13.79 1.42 19.79
C LEU D 189 -14.96 1.58 20.76
N GLN D 190 -15.32 2.83 21.09
CA GLN D 190 -16.40 3.01 22.07
C GLN D 190 -17.76 3.21 21.42
N SER D 191 -18.81 3.04 22.23
CA SER D 191 -20.19 3.02 21.76
C SER D 191 -20.62 4.25 20.94
N SER D 192 -19.81 5.31 20.96
CA SER D 192 -20.13 6.52 20.21
C SER D 192 -19.68 6.44 18.75
N GLY D 193 -18.81 5.48 18.44
CA GLY D 193 -18.27 5.35 17.10
C GLY D 193 -16.89 5.97 16.96
N LEU D 194 -16.32 6.42 18.09
CA LEU D 194 -14.98 7.01 18.07
C LEU D 194 -13.95 6.12 18.74
N TYR D 195 -12.70 6.31 18.34
CA TYR D 195 -11.57 5.53 18.88
C TYR D 195 -10.75 6.30 19.94
N SER D 196 -9.91 5.54 20.66
CA SER D 196 -9.03 6.05 21.70
C SER D 196 -7.80 5.13 21.80
N LEU D 197 -6.63 5.68 22.11
CA LEU D 197 -5.43 4.88 22.37
C LEU D 197 -4.47 5.58 23.33
N SER D 198 -3.46 4.87 23.82
CA SER D 198 -2.49 5.46 24.75
C SER D 198 -1.04 5.08 24.44
N SER D 199 -0.10 5.96 24.81
CA SER D 199 1.34 5.68 24.69
C SER D 199 2.08 6.01 26.00
N VAL D 200 3.10 5.22 26.38
CA VAL D 200 3.88 5.50 27.61
C VAL D 200 5.37 5.35 27.46
N VAL D 201 6.13 6.04 28.32
CA VAL D 201 7.61 5.90 28.36
C VAL D 201 8.19 5.90 29.79
N THR D 202 9.15 5.02 30.07
CA THR D 202 9.80 5.00 31.39
C THR D 202 11.19 5.63 31.38
N VAL D 203 11.47 6.46 32.38
CA VAL D 203 12.70 7.24 32.41
C VAL D 203 13.29 7.32 33.83
N PRO D 204 14.59 7.61 33.92
CA PRO D 204 15.20 7.74 35.26
C PRO D 204 14.74 9.00 35.96
N SER D 205 14.29 8.86 37.20
CA SER D 205 13.86 9.98 38.02
C SER D 205 14.89 11.12 38.09
N SER D 206 16.17 10.78 38.01
CA SER D 206 17.21 11.80 38.16
C SER D 206 17.29 12.78 36.98
N SER D 207 16.69 12.43 35.84
CA SER D 207 16.85 13.25 34.64
C SER D 207 15.70 14.24 34.38
N LEU D 208 14.72 14.29 35.27
CA LEU D 208 13.57 15.19 35.12
C LEU D 208 13.93 16.69 35.14
N GLY D 209 14.95 17.06 35.91
CA GLY D 209 15.39 18.44 35.97
C GLY D 209 16.26 18.89 34.80
N THR D 210 16.63 17.95 33.93
CA THR D 210 17.56 18.23 32.83
C THR D 210 17.06 17.85 31.44
N GLN D 211 15.90 17.20 31.38
CA GLN D 211 15.36 16.75 30.09
C GLN D 211 13.86 16.99 30.01
N THR D 212 13.43 17.68 28.96
CA THR D 212 12.00 17.84 28.71
C THR D 212 11.42 16.61 27.96
N TYR D 213 10.13 16.32 28.13
CA TYR D 213 9.53 15.17 27.44
C TYR D 213 8.25 15.55 26.72
N ILE D 214 8.22 15.28 25.41
CA ILE D 214 7.19 15.82 24.52
C ILE D 214 6.60 14.77 23.59
N CYS D 215 5.27 14.63 23.67
CA CYS D 215 4.48 13.68 22.87
C CYS D 215 4.04 14.34 21.54
N ASN D 216 4.37 13.73 20.38
CA ASN D 216 3.93 14.26 19.07
C ASN D 216 2.91 13.37 18.37
N VAL D 217 1.75 13.93 18.00
CA VAL D 217 0.66 13.12 17.43
C VAL D 217 0.28 13.56 16.01
N ASN D 218 0.06 12.61 15.09
CA ASN D 218 -0.46 12.95 13.74
C ASN D 218 -1.74 12.16 13.33
N HIS D 219 -2.81 12.88 12.96
CA HIS D 219 -4.04 12.25 12.42
C HIS D 219 -4.33 12.70 10.99
N LYS D 220 -3.73 12.03 9.99
CA LYS D 220 -3.88 12.48 8.59
C LYS D 220 -5.31 12.67 8.05
N PRO D 221 -6.26 11.77 8.38
CA PRO D 221 -7.60 11.98 7.82
C PRO D 221 -8.25 13.33 8.15
N SER D 222 -7.90 13.98 9.25
CA SER D 222 -8.44 15.33 9.51
C SER D 222 -7.38 16.44 9.39
N ASN D 223 -6.22 16.11 8.84
CA ASN D 223 -5.10 17.05 8.71
C ASN D 223 -4.77 17.84 10.00
N THR D 224 -4.39 17.10 11.05
CA THR D 224 -4.16 17.68 12.37
C THR D 224 -2.84 17.18 12.99
N LYS D 225 -2.01 18.11 13.49
CA LYS D 225 -0.82 17.79 14.32
C LYS D 225 -0.88 18.50 15.67
N VAL D 226 -0.48 17.79 16.73
CA VAL D 226 -0.45 18.33 18.08
C VAL D 226 0.92 18.09 18.72
N ASP D 227 1.36 18.99 19.60
CA ASP D 227 2.60 18.85 20.40
C ASP D 227 2.29 19.20 21.87
N LYS D 228 2.48 18.22 22.77
CA LYS D 228 2.10 18.34 24.19
C LYS D 228 3.21 17.90 25.18
N ARG D 229 3.72 18.83 25.97
CA ARG D 229 4.73 18.52 27.00
C ARG D 229 4.09 17.81 28.19
N VAL D 230 4.71 16.73 28.69
CA VAL D 230 4.20 16.04 29.87
C VAL D 230 5.09 16.24 31.11
N GLU D 231 4.51 16.76 32.20
CA GLU D 231 5.26 17.07 33.42
C GLU D 231 4.80 16.29 34.67
N PRO D 232 5.76 15.98 35.58
CA PRO D 232 5.43 15.38 36.88
C PRO D 232 4.66 16.36 37.80
N LYS D 233 3.72 15.87 38.60
CA LYS D 233 2.90 16.77 39.42
C LYS D 233 3.22 16.74 40.93
N SER D 234 2.80 17.79 41.64
CA SER D 234 3.02 17.89 43.09
C SER D 234 2.17 16.88 43.89
#